data_1FFO
#
_entry.id   1FFO
#
_cell.length_a   47.219
_cell.length_b   68.642
_cell.length_c   81.531
_cell.angle_alpha   74.57
_cell.angle_beta   73.08
_cell.angle_gamma   69.86
#
_symmetry.space_group_name_H-M   'P 1'
#
loop_
_entity.id
_entity.type
_entity.pdbx_description
1 polymer 'H-2 CLASS I HISTOCOMPATIBILITY ANTIGEN, D-B, ALPHA CHAIN'
2 polymer 'BETA-2 MICROGLOBULIN BETA CHAIN'
3 polymer 'PEPTIDE WITH SEQUENCE ALA-ALA-VAL-TYR-ASN-PHE-ALA-THR-MET'
4 water water
#
loop_
_entity_poly.entity_id
_entity_poly.type
_entity_poly.pdbx_seq_one_letter_code
_entity_poly.pdbx_strand_id
1 'polypeptide(L)'
;PHSMRYFETAVSRPGLEEPRYISVGYVDNKEFVRFDSDAENPRYEPRAPWMEQEGPEYWERETQKAKGQEQWFRVSLRNL
LGYYNQSAGGSHTLQQMSGCDLGSDWRLLRGYLQFAYEGRDYIALNEDLKTWTAADMAAQITRRKWEQSGAAEHYKAYLE
GECVEWLHRYLKNGNATLLRTDSPKAHVTHHPRSKGEVTLRCWALGFYPADITLTWQLNGEELTQDMELVETRPAGDGTF
QKWASVVVPLGKEQNYTCRVYHEGLPEPLTLRW
;
A,D
2 'polypeptide(L)'
;MIQKTPQIQVYSRHPPENGKPNILNCYVTQFHPPHIEIQMLKNGKKIPKVEMSDMSFSKDWSFYILAHTEFTPTETDTYA
CRVKHDSMAEPKTVYWDRDM
;
B,E
3 'polypeptide(L)' AAVYNFATM C,F
#
# COMPACT_ATOMS: atom_id res chain seq x y z
N PRO A 1 4.01 31.76 -35.99
CA PRO A 1 4.03 30.85 -34.81
C PRO A 1 4.00 31.66 -33.49
N HIS A 2 3.09 32.62 -33.43
CA HIS A 2 2.93 33.46 -32.24
C HIS A 2 2.89 32.68 -30.92
N SER A 3 3.05 33.41 -29.81
CA SER A 3 3.02 32.80 -28.47
C SER A 3 2.85 33.86 -27.40
N MET A 4 2.51 33.41 -26.20
CA MET A 4 2.37 34.31 -25.08
C MET A 4 2.83 33.63 -23.79
N ARG A 5 3.65 34.35 -23.02
CA ARG A 5 4.18 33.84 -21.77
C ARG A 5 4.14 34.88 -20.64
N TYR A 6 4.23 34.39 -19.41
CA TYR A 6 4.25 35.23 -18.21
C TYR A 6 5.31 34.62 -17.30
N PHE A 7 6.45 35.31 -17.21
CA PHE A 7 7.56 34.83 -16.38
C PHE A 7 7.44 35.50 -15.03
N GLU A 8 7.16 34.69 -14.02
CA GLU A 8 6.98 35.23 -12.68
C GLU A 8 8.05 34.78 -11.71
N THR A 9 8.49 35.70 -10.87
CA THR A 9 9.53 35.43 -9.89
C THR A 9 9.24 36.08 -8.56
N ALA A 10 9.52 35.33 -7.51
CA ALA A 10 9.34 35.79 -6.15
C ALA A 10 10.57 35.32 -5.38
N VAL A 11 11.36 36.26 -4.86
CA VAL A 11 12.56 35.88 -4.11
C VAL A 11 12.51 36.39 -2.67
N SER A 12 12.88 35.52 -1.73
CA SER A 12 12.88 35.88 -0.31
C SER A 12 14.28 36.24 0.15
N ARG A 13 14.39 37.30 0.95
CA ARG A 13 15.71 37.71 1.43
C ARG A 13 15.70 37.97 2.93
N PRO A 14 16.84 37.76 3.58
CA PRO A 14 16.94 37.98 5.02
C PRO A 14 16.61 39.44 5.31
N GLY A 15 15.90 39.68 6.41
CA GLY A 15 15.54 41.04 6.73
C GLY A 15 14.07 41.14 7.10
N LEU A 16 13.59 42.37 7.22
CA LEU A 16 12.20 42.61 7.61
C LEU A 16 11.26 42.69 6.41
N GLU A 17 11.85 42.84 5.23
CA GLU A 17 11.12 42.98 3.97
C GLU A 17 10.48 41.67 3.47
N GLU A 18 9.25 41.78 2.96
CA GLU A 18 8.50 40.64 2.41
C GLU A 18 9.17 40.32 1.07
N PRO A 19 9.03 39.08 0.56
CA PRO A 19 9.69 38.83 -0.72
C PRO A 19 9.20 39.68 -1.88
N ARG A 20 10.13 39.98 -2.78
CA ARG A 20 9.85 40.75 -3.98
C ARG A 20 9.16 39.87 -5.01
N TYR A 21 8.16 40.43 -5.69
CA TYR A 21 7.42 39.70 -6.70
C TYR A 21 7.54 40.44 -8.01
N ILE A 22 8.00 39.72 -9.03
CA ILE A 22 8.17 40.32 -10.35
C ILE A 22 7.56 39.46 -11.44
N SER A 23 6.69 40.06 -12.25
CA SER A 23 6.06 39.33 -13.34
C SER A 23 6.30 40.02 -14.66
N VAL A 24 6.75 39.26 -15.65
CA VAL A 24 6.99 39.88 -16.94
C VAL A 24 6.21 39.14 -18.02
N GLY A 25 5.50 39.90 -18.84
CA GLY A 25 4.70 39.30 -19.89
C GLY A 25 5.31 39.45 -21.27
N TYR A 26 5.14 38.42 -22.09
CA TYR A 26 5.67 38.46 -23.44
C TYR A 26 4.71 38.00 -24.52
N VAL A 27 4.77 38.67 -25.66
CA VAL A 27 3.97 38.34 -26.83
C VAL A 27 4.99 38.17 -27.96
N ASP A 28 5.10 36.95 -28.47
CA ASP A 28 6.06 36.64 -29.52
C ASP A 28 7.47 37.07 -29.10
N ASN A 29 7.86 36.62 -27.91
CA ASN A 29 9.17 36.89 -27.32
C ASN A 29 9.46 38.32 -26.89
N LYS A 30 8.55 39.24 -27.21
CA LYS A 30 8.72 40.65 -26.84
C LYS A 30 7.98 41.04 -25.53
N GLU A 31 8.68 41.74 -24.65
CA GLU A 31 8.10 42.16 -23.38
C GLU A 31 7.02 43.21 -23.64
N PHE A 32 5.85 43.06 -23.03
CA PHE A 32 4.80 44.06 -23.25
C PHE A 32 4.11 44.56 -21.96
N VAL A 33 4.30 43.81 -20.87
CA VAL A 33 3.76 44.21 -19.58
C VAL A 33 4.69 43.65 -18.52
N ARG A 34 4.87 44.39 -17.44
CA ARG A 34 5.75 44.00 -16.35
C ARG A 34 5.17 44.48 -15.02
N PHE A 35 5.48 43.76 -13.94
CA PHE A 35 5.00 44.11 -12.62
C PHE A 35 6.05 43.76 -11.56
N ASP A 36 6.41 44.78 -10.78
CA ASP A 36 7.42 44.67 -9.74
C ASP A 36 6.84 45.14 -8.40
N SER A 37 6.94 44.32 -7.36
CA SER A 37 6.41 44.72 -6.06
C SER A 37 7.32 45.75 -5.39
N ASP A 38 8.50 45.97 -5.94
CA ASP A 38 9.42 46.96 -5.38
C ASP A 38 9.13 48.35 -5.91
N ALA A 39 8.18 48.46 -6.81
CA ALA A 39 7.89 49.77 -7.37
C ALA A 39 7.32 50.67 -6.27
N GLU A 40 7.27 51.97 -6.53
CA GLU A 40 6.73 52.91 -5.58
C GLU A 40 5.22 52.66 -5.56
N ASN A 41 4.69 52.33 -6.73
CA ASN A 41 3.26 52.02 -6.84
C ASN A 41 3.11 50.76 -7.68
N PRO A 42 3.19 49.59 -7.04
CA PRO A 42 3.06 48.32 -7.76
C PRO A 42 1.84 48.31 -8.68
N ARG A 43 2.09 48.06 -9.95
CA ARG A 43 1.03 48.03 -10.95
C ARG A 43 1.60 47.45 -12.23
N TYR A 44 0.76 46.80 -13.02
CA TYR A 44 1.22 46.27 -14.29
C TYR A 44 1.35 47.50 -15.17
N GLU A 45 2.41 47.58 -15.97
CA GLU A 45 2.57 48.72 -16.85
C GLU A 45 2.92 48.31 -18.29
N PRO A 46 2.62 49.20 -19.26
CA PRO A 46 2.86 49.01 -20.70
C PRO A 46 4.34 48.92 -21.01
N ARG A 47 4.72 47.88 -21.74
CA ARG A 47 6.11 47.68 -22.10
C ARG A 47 6.32 47.67 -23.61
N ALA A 48 5.25 48.01 -24.32
CA ALA A 48 5.26 48.08 -25.77
C ALA A 48 4.24 49.15 -26.11
N PRO A 49 4.52 49.96 -27.13
CA PRO A 49 3.58 51.02 -27.51
C PRO A 49 2.13 50.57 -27.74
N TRP A 50 1.92 49.44 -28.41
CA TRP A 50 0.55 49.00 -28.69
C TRP A 50 -0.36 48.76 -27.48
N MET A 51 0.23 48.38 -26.35
CA MET A 51 -0.56 48.13 -25.15
C MET A 51 -1.17 49.39 -24.56
N GLU A 52 -0.83 50.53 -25.14
CA GLU A 52 -1.36 51.80 -24.67
C GLU A 52 -2.70 52.09 -25.31
N GLN A 53 -3.39 51.04 -25.74
CA GLN A 53 -4.69 51.20 -26.36
C GLN A 53 -5.69 50.67 -25.33
N GLU A 54 -5.14 49.96 -24.34
CA GLU A 54 -5.91 49.36 -23.26
C GLU A 54 -6.39 50.37 -22.23
N GLY A 55 -7.65 50.26 -21.84
CA GLY A 55 -8.21 51.18 -20.87
C GLY A 55 -7.76 50.88 -19.46
N PRO A 56 -8.09 51.75 -18.51
CA PRO A 56 -7.72 51.59 -17.10
C PRO A 56 -8.25 50.34 -16.44
N GLU A 57 -9.43 49.87 -16.84
CA GLU A 57 -9.98 48.69 -16.21
C GLU A 57 -9.14 47.46 -16.53
N TYR A 58 -8.48 47.48 -17.68
CA TYR A 58 -7.63 46.37 -18.06
C TYR A 58 -6.46 46.37 -17.08
N TRP A 59 -5.80 47.51 -16.93
CA TRP A 59 -4.67 47.61 -16.02
C TRP A 59 -5.09 47.28 -14.59
N GLU A 60 -6.21 47.83 -14.15
CA GLU A 60 -6.70 47.56 -12.81
C GLU A 60 -6.98 46.07 -12.67
N ARG A 61 -7.54 45.45 -13.70
CA ARG A 61 -7.85 44.03 -13.62
C ARG A 61 -6.59 43.20 -13.46
N GLU A 62 -5.67 43.32 -14.42
CA GLU A 62 -4.42 42.56 -14.37
C GLU A 62 -3.65 42.85 -13.09
N THR A 63 -3.59 44.11 -12.68
CA THR A 63 -2.89 44.45 -11.46
C THR A 63 -3.45 43.66 -10.28
N GLN A 64 -4.77 43.47 -10.24
CA GLN A 64 -5.38 42.70 -9.16
C GLN A 64 -4.97 41.23 -9.19
N LYS A 65 -4.78 40.66 -10.38
CA LYS A 65 -4.33 39.27 -10.46
C LYS A 65 -2.94 39.35 -9.87
N ALA A 66 -2.20 40.39 -10.29
CA ALA A 66 -0.85 40.60 -9.80
C ALA A 66 -0.86 40.51 -8.27
N LYS A 67 -1.58 41.42 -7.63
CA LYS A 67 -1.67 41.40 -6.17
C LYS A 67 -1.95 40.01 -5.62
N GLY A 68 -2.82 39.26 -6.28
CA GLY A 68 -3.16 37.93 -5.81
C GLY A 68 -2.02 36.92 -5.89
N GLN A 69 -1.29 36.97 -7.01
CA GLN A 69 -0.16 36.08 -7.26
C GLN A 69 0.90 36.29 -6.18
N GLU A 70 1.10 37.56 -5.81
CA GLU A 70 2.08 37.90 -4.78
C GLU A 70 1.86 37.04 -3.54
N GLN A 71 0.66 37.11 -2.96
CA GLN A 71 0.36 36.31 -1.80
C GLN A 71 0.56 34.83 -2.11
N TRP A 72 0.11 34.42 -3.30
CA TRP A 72 0.22 33.03 -3.72
C TRP A 72 1.68 32.60 -3.69
N PHE A 73 2.60 33.49 -4.10
CA PHE A 73 4.01 33.12 -4.09
C PHE A 73 4.62 33.21 -2.70
N ARG A 74 4.20 34.23 -1.95
CA ARG A 74 4.65 34.43 -0.59
C ARG A 74 4.24 33.20 0.21
N VAL A 75 2.99 32.79 0.05
CA VAL A 75 2.52 31.61 0.78
C VAL A 75 3.25 30.34 0.29
N SER A 76 3.31 30.15 -1.02
CA SER A 76 3.96 28.96 -1.58
C SER A 76 5.43 28.91 -1.18
N LEU A 77 6.06 30.07 -1.14
CA LEU A 77 7.46 30.13 -0.75
C LEU A 77 7.55 29.56 0.67
N ARG A 78 6.60 29.92 1.53
CA ARG A 78 6.63 29.40 2.88
C ARG A 78 6.41 27.88 2.91
N ASN A 79 5.51 27.37 2.09
CA ASN A 79 5.29 25.92 2.10
C ASN A 79 6.51 25.12 1.63
N LEU A 80 7.32 25.71 0.76
CA LEU A 80 8.50 25.03 0.27
C LEU A 80 9.55 24.79 1.37
N LEU A 81 9.81 25.81 2.19
CA LEU A 81 10.78 25.68 3.28
C LEU A 81 10.41 24.48 4.14
N GLY A 82 9.11 24.31 4.39
CA GLY A 82 8.68 23.20 5.20
C GLY A 82 8.99 21.89 4.53
N TYR A 83 8.60 21.78 3.26
CA TYR A 83 8.83 20.56 2.49
C TYR A 83 10.29 20.15 2.50
N TYR A 84 11.17 21.12 2.26
CA TYR A 84 12.60 20.85 2.19
C TYR A 84 13.33 20.97 3.52
N ASN A 85 12.59 21.32 4.57
CA ASN A 85 13.19 21.46 5.90
C ASN A 85 14.34 22.46 5.88
N GLN A 86 14.14 23.61 5.24
CA GLN A 86 15.17 24.64 5.15
C GLN A 86 15.05 25.60 6.30
N SER A 87 16.03 26.49 6.45
CA SER A 87 16.06 27.46 7.54
C SER A 87 15.60 28.86 7.14
N ALA A 88 15.36 29.70 8.16
CA ALA A 88 14.85 31.05 7.96
C ALA A 88 15.81 32.19 7.62
N GLY A 89 17.11 31.95 7.74
CA GLY A 89 18.03 33.03 7.47
C GLY A 89 18.65 33.19 6.08
N GLY A 90 18.09 32.55 5.06
CA GLY A 90 18.67 32.69 3.75
C GLY A 90 17.77 33.35 2.73
N SER A 91 17.95 32.95 1.47
CA SER A 91 17.16 33.48 0.37
C SER A 91 16.82 32.34 -0.57
N HIS A 92 15.59 32.36 -1.08
CA HIS A 92 15.12 31.33 -1.97
C HIS A 92 14.45 31.94 -3.17
N THR A 93 14.40 31.17 -4.25
CA THR A 93 13.81 31.61 -5.49
C THR A 93 12.76 30.66 -6.01
N LEU A 94 11.59 31.20 -6.32
CA LEU A 94 10.49 30.42 -6.84
C LEU A 94 10.09 31.12 -8.13
N GLN A 95 10.21 30.40 -9.25
CA GLN A 95 9.88 30.93 -10.57
C GLN A 95 8.74 30.19 -11.25
N GLN A 96 7.99 30.91 -12.09
CA GLN A 96 6.88 30.30 -12.83
C GLN A 96 6.88 30.73 -14.28
N MET A 97 6.52 29.81 -15.16
CA MET A 97 6.40 30.07 -16.59
C MET A 97 5.10 29.44 -17.06
N SER A 98 4.26 30.23 -17.71
CA SER A 98 2.98 29.71 -18.19
C SER A 98 2.61 30.51 -19.42
N GLY A 99 1.91 29.86 -20.35
CA GLY A 99 1.53 30.53 -21.58
C GLY A 99 1.06 29.58 -22.66
N CYS A 100 0.79 30.12 -23.84
CA CYS A 100 0.28 29.31 -24.95
C CYS A 100 0.92 29.66 -26.29
N ASP A 101 1.18 28.64 -27.11
CA ASP A 101 1.76 28.87 -28.43
C ASP A 101 0.65 28.69 -29.47
N LEU A 102 0.61 29.59 -30.45
CA LEU A 102 -0.37 29.52 -31.52
C LEU A 102 0.38 29.33 -32.83
N GLY A 103 -0.29 28.70 -33.79
CA GLY A 103 0.33 28.50 -35.08
C GLY A 103 0.02 29.76 -35.87
N SER A 104 0.43 29.78 -37.14
CA SER A 104 0.17 30.93 -38.00
C SER A 104 -1.33 30.97 -38.30
N ASP A 105 -2.00 29.83 -38.14
CA ASP A 105 -3.43 29.72 -38.37
C ASP A 105 -4.24 30.08 -37.12
N TRP A 106 -3.55 30.64 -36.13
CA TRP A 106 -4.20 31.07 -34.89
C TRP A 106 -4.69 29.92 -34.01
N ARG A 107 -4.33 28.69 -34.38
CA ARG A 107 -4.73 27.51 -33.63
C ARG A 107 -3.74 27.17 -32.51
N LEU A 108 -4.27 26.82 -31.34
CA LEU A 108 -3.44 26.48 -30.19
C LEU A 108 -2.61 25.21 -30.41
N LEU A 109 -1.30 25.31 -30.23
CA LEU A 109 -0.43 24.15 -30.40
C LEU A 109 -0.14 23.49 -29.05
N ARG A 110 0.17 24.32 -28.06
CA ARG A 110 0.50 23.77 -26.74
C ARG A 110 0.38 24.76 -25.58
N GLY A 111 0.00 24.22 -24.42
CA GLY A 111 -0.14 25.02 -23.23
C GLY A 111 1.09 24.84 -22.34
N TYR A 112 1.43 25.86 -21.57
CA TYR A 112 2.59 25.78 -20.68
C TYR A 112 2.26 26.21 -19.25
N LEU A 113 2.72 25.43 -18.28
CA LEU A 113 2.48 25.73 -16.87
C LEU A 113 3.52 24.93 -16.09
N GLN A 114 4.60 25.61 -15.71
CA GLN A 114 5.67 24.92 -14.97
C GLN A 114 6.31 25.85 -13.94
N PHE A 115 6.87 25.24 -12.90
CA PHE A 115 7.51 26.01 -11.83
C PHE A 115 8.86 25.44 -11.42
N ALA A 116 9.72 26.34 -10.93
CA ALA A 116 11.04 25.95 -10.45
C ALA A 116 11.29 26.55 -9.05
N TYR A 117 12.08 25.83 -8.27
CA TYR A 117 12.47 26.26 -6.95
C TYR A 117 14.00 26.27 -6.98
N GLU A 118 14.60 27.34 -6.48
CA GLU A 118 16.05 27.44 -6.48
C GLU A 118 16.59 27.17 -7.88
N GLY A 119 15.85 27.60 -8.89
CA GLY A 119 16.31 27.44 -10.28
C GLY A 119 16.29 26.05 -10.88
N ARG A 120 15.72 25.09 -10.17
CA ARG A 120 15.64 23.70 -10.65
C ARG A 120 14.17 23.37 -10.86
N ASP A 121 13.85 22.56 -11.87
CA ASP A 121 12.44 22.21 -12.12
C ASP A 121 11.81 21.65 -10.87
N TYR A 122 10.59 22.10 -10.58
CA TYR A 122 9.87 21.62 -9.41
C TYR A 122 8.64 20.82 -9.86
N ILE A 123 7.67 21.50 -10.46
CA ILE A 123 6.47 20.81 -10.93
C ILE A 123 6.00 21.44 -12.25
N ALA A 124 5.38 20.63 -13.11
CA ALA A 124 4.90 21.12 -14.40
C ALA A 124 3.65 20.38 -14.87
N LEU A 125 2.77 21.11 -15.54
CA LEU A 125 1.55 20.50 -16.07
C LEU A 125 1.98 19.87 -17.39
N ASN A 126 1.57 18.63 -17.63
CA ASN A 126 1.95 17.95 -18.85
C ASN A 126 1.26 18.53 -20.09
N GLU A 127 1.63 18.06 -21.27
CA GLU A 127 1.05 18.59 -22.49
C GLU A 127 -0.43 18.28 -22.66
N ASP A 128 -0.96 17.32 -21.90
CA ASP A 128 -2.37 17.03 -22.02
C ASP A 128 -3.17 17.97 -21.11
N LEU A 129 -2.48 18.90 -20.48
CA LEU A 129 -3.13 19.85 -19.59
C LEU A 129 -3.99 19.12 -18.56
N LYS A 130 -3.64 17.87 -18.25
CA LYS A 130 -4.40 17.04 -17.30
C LYS A 130 -3.56 16.39 -16.20
N THR A 131 -2.35 15.97 -16.54
CA THR A 131 -1.50 15.32 -15.56
C THR A 131 -0.23 16.11 -15.23
N TRP A 132 0.28 15.89 -14.02
CA TRP A 132 1.48 16.59 -13.56
C TRP A 132 2.75 15.77 -13.59
N THR A 133 3.88 16.47 -13.61
CA THR A 133 5.21 15.87 -13.57
C THR A 133 5.93 16.56 -12.43
N ALA A 134 6.21 15.83 -11.37
CA ALA A 134 6.89 16.37 -10.19
C ALA A 134 8.34 15.92 -10.19
N ALA A 135 9.27 16.86 -10.10
CA ALA A 135 10.70 16.57 -10.14
C ALA A 135 11.31 15.82 -8.95
N ASP A 136 10.98 16.21 -7.72
CA ASP A 136 11.54 15.52 -6.55
C ASP A 136 10.49 15.13 -5.52
N MET A 137 10.96 14.66 -4.37
CA MET A 137 10.09 14.23 -3.29
C MET A 137 9.14 15.35 -2.82
N ALA A 138 9.62 16.58 -2.80
CA ALA A 138 8.80 17.70 -2.39
C ALA A 138 7.68 17.81 -3.42
N ALA A 139 8.10 17.93 -4.67
CA ALA A 139 7.19 18.02 -5.80
C ALA A 139 6.00 17.05 -5.69
N GLN A 140 6.24 15.87 -5.15
CA GLN A 140 5.19 14.89 -4.97
C GLN A 140 4.05 15.41 -4.08
N ILE A 141 4.39 16.12 -3.00
CA ILE A 141 3.36 16.64 -2.12
C ILE A 141 2.48 17.69 -2.82
N THR A 142 3.09 18.52 -3.66
CA THR A 142 2.35 19.53 -4.40
C THR A 142 1.47 18.85 -5.45
N ARG A 143 2.01 17.81 -6.07
CA ARG A 143 1.29 17.07 -7.11
C ARG A 143 -0.03 16.54 -6.54
N ARG A 144 0.07 15.88 -5.40
CA ARG A 144 -1.11 15.29 -4.75
C ARG A 144 -2.09 16.37 -4.34
N LYS A 145 -1.57 17.44 -3.76
CA LYS A 145 -2.40 18.54 -3.31
C LYS A 145 -3.24 19.05 -4.49
N TRP A 146 -2.58 19.27 -5.63
CA TRP A 146 -3.23 19.78 -6.84
C TRP A 146 -4.14 18.77 -7.54
N GLU A 147 -3.76 17.49 -7.46
CA GLU A 147 -4.59 16.45 -8.09
C GLU A 147 -5.91 16.33 -7.35
N GLN A 148 -5.87 16.46 -6.02
CA GLN A 148 -7.08 16.35 -5.19
C GLN A 148 -7.93 17.62 -5.24
N SER A 149 -7.33 18.76 -5.55
CA SER A 149 -8.06 20.01 -5.62
C SER A 149 -8.53 20.27 -7.05
N GLY A 150 -8.03 19.45 -7.97
CA GLY A 150 -8.40 19.58 -9.36
C GLY A 150 -7.89 20.87 -9.96
N ALA A 151 -6.61 21.14 -9.75
CA ALA A 151 -6.01 22.36 -10.28
C ALA A 151 -5.77 22.33 -11.78
N ALA A 152 -5.39 21.18 -12.32
CA ALA A 152 -5.12 21.06 -13.75
C ALA A 152 -6.22 21.55 -14.69
N GLU A 153 -7.47 21.27 -14.34
CA GLU A 153 -8.60 21.67 -15.18
C GLU A 153 -8.81 23.18 -15.19
N HIS A 154 -8.27 23.87 -14.21
CA HIS A 154 -8.42 25.30 -14.15
C HIS A 154 -7.30 26.07 -14.84
N TYR A 155 -6.09 25.51 -14.84
CA TYR A 155 -4.99 26.18 -15.54
C TYR A 155 -5.25 25.88 -17.02
N LYS A 156 -5.75 24.68 -17.28
CA LYS A 156 -6.07 24.25 -18.63
C LYS A 156 -7.08 25.23 -19.22
N ALA A 157 -8.06 25.63 -18.40
CA ALA A 157 -9.09 26.57 -18.85
C ALA A 157 -8.44 27.86 -19.31
N TYR A 158 -7.58 28.42 -18.46
CA TYR A 158 -6.89 29.65 -18.82
C TYR A 158 -6.08 29.50 -20.10
N LEU A 159 -5.38 28.37 -20.23
CA LEU A 159 -4.51 28.12 -21.38
C LEU A 159 -5.22 27.92 -22.71
N GLU A 160 -6.31 27.17 -22.72
CA GLU A 160 -7.04 26.97 -23.97
C GLU A 160 -8.00 28.12 -24.26
N GLY A 161 -8.33 28.88 -23.22
CA GLY A 161 -9.25 30.00 -23.37
C GLY A 161 -8.65 31.39 -23.32
N GLU A 162 -8.58 31.95 -22.10
CA GLU A 162 -8.08 33.30 -21.89
C GLU A 162 -6.74 33.57 -22.57
N CYS A 163 -5.84 32.61 -22.50
CA CYS A 163 -4.54 32.75 -23.13
C CYS A 163 -4.64 32.91 -24.67
N VAL A 164 -5.52 32.13 -25.29
CA VAL A 164 -5.70 32.21 -26.74
C VAL A 164 -6.49 33.46 -27.07
N GLU A 165 -7.62 33.63 -26.38
CA GLU A 165 -8.50 34.78 -26.56
C GLU A 165 -7.66 36.05 -26.57
N TRP A 166 -7.12 36.43 -25.42
CA TRP A 166 -6.34 37.63 -25.32
C TRP A 166 -5.10 37.76 -26.20
N LEU A 167 -4.36 36.68 -26.43
CA LEU A 167 -3.17 36.77 -27.29
C LEU A 167 -3.54 37.23 -28.72
N HIS A 168 -4.65 36.70 -29.23
CA HIS A 168 -5.08 37.10 -30.56
C HIS A 168 -5.31 38.60 -30.47
N ARG A 169 -6.12 38.99 -29.49
CA ARG A 169 -6.45 40.37 -29.23
C ARG A 169 -5.22 41.28 -29.25
N TYR A 170 -4.10 40.79 -28.73
CA TYR A 170 -2.88 41.59 -28.72
C TYR A 170 -2.26 41.67 -30.11
N LEU A 171 -2.05 40.51 -30.72
CA LEU A 171 -1.45 40.43 -32.05
C LEU A 171 -2.22 41.38 -32.99
N LYS A 172 -3.54 41.38 -32.88
CA LYS A 172 -4.35 42.26 -33.70
C LYS A 172 -3.90 43.70 -33.53
N ASN A 173 -3.74 44.13 -32.28
CA ASN A 173 -3.31 45.49 -31.99
C ASN A 173 -1.83 45.76 -32.26
N GLY A 174 -0.99 44.75 -32.07
CA GLY A 174 0.42 45.00 -32.30
C GLY A 174 1.17 44.21 -33.36
N ASN A 175 0.49 43.73 -34.41
CA ASN A 175 1.20 42.98 -35.44
C ASN A 175 2.11 43.94 -36.23
N ALA A 176 1.58 45.14 -36.51
CA ALA A 176 2.33 46.17 -37.23
C ALA A 176 3.68 46.45 -36.55
N THR A 177 3.66 46.48 -35.22
CA THR A 177 4.85 46.73 -34.44
C THR A 177 5.76 45.51 -34.42
N LEU A 178 5.23 44.37 -34.00
CA LEU A 178 5.97 43.12 -33.94
C LEU A 178 6.75 42.83 -35.23
N LEU A 179 6.03 42.80 -36.35
CA LEU A 179 6.61 42.53 -37.65
C LEU A 179 7.82 43.44 -37.93
N ARG A 180 7.83 44.61 -37.30
CA ARG A 180 8.90 45.58 -37.48
C ARG A 180 10.31 44.99 -37.24
N THR A 181 11.20 45.17 -38.22
CA THR A 181 12.57 44.68 -38.14
C THR A 181 13.60 45.80 -38.31
N ASP A 182 14.85 45.51 -37.96
CA ASP A 182 15.92 46.48 -38.08
C ASP A 182 17.11 45.83 -38.73
N SER A 183 17.37 46.20 -39.99
CA SER A 183 18.49 45.64 -40.74
C SER A 183 19.83 45.88 -40.07
N PRO A 184 20.68 44.84 -40.01
CA PRO A 184 21.97 45.06 -39.37
C PRO A 184 22.86 45.91 -40.27
N LYS A 185 23.84 46.58 -39.67
CA LYS A 185 24.80 47.38 -40.41
C LYS A 185 26.12 46.69 -40.10
N ALA A 186 26.88 46.35 -41.12
CA ALA A 186 28.13 45.62 -40.90
C ALA A 186 29.38 46.28 -41.45
N HIS A 187 30.51 45.91 -40.86
CA HIS A 187 31.83 46.39 -41.24
C HIS A 187 32.86 45.43 -40.66
N VAL A 188 34.06 45.46 -41.23
CA VAL A 188 35.13 44.57 -40.78
C VAL A 188 36.30 45.33 -40.15
N THR A 189 36.79 44.83 -39.02
CA THR A 189 37.92 45.48 -38.36
C THR A 189 39.16 44.62 -38.43
N HIS A 190 40.30 45.28 -38.52
CA HIS A 190 41.59 44.64 -38.64
C HIS A 190 42.35 44.73 -37.30
N HIS A 191 42.93 43.63 -36.83
CA HIS A 191 43.67 43.67 -35.56
C HIS A 191 44.96 42.83 -35.62
N PRO A 192 46.04 43.45 -35.12
CA PRO A 192 47.42 42.94 -35.19
C PRO A 192 47.68 41.58 -34.55
N ARG A 193 46.64 40.89 -34.20
CA ARG A 193 46.75 39.64 -33.41
C ARG A 193 47.91 38.68 -33.78
N SER A 194 48.94 39.13 -34.42
CA SER A 194 50.15 38.26 -34.53
C SER A 194 50.98 38.70 -35.67
N LYS A 195 52.21 38.30 -35.70
CA LYS A 195 53.04 38.65 -36.84
C LYS A 195 52.96 37.52 -37.81
N GLY A 196 52.97 37.86 -39.05
CA GLY A 196 52.81 36.86 -40.06
C GLY A 196 51.31 36.54 -40.15
N GLU A 197 50.60 36.79 -39.05
CA GLU A 197 49.17 36.57 -38.99
C GLU A 197 48.43 37.84 -38.62
N VAL A 198 47.12 37.71 -38.43
CA VAL A 198 46.29 38.84 -38.08
C VAL A 198 44.84 38.42 -37.84
N THR A 199 44.05 39.32 -37.27
CA THR A 199 42.65 39.03 -36.98
C THR A 199 41.71 39.99 -37.68
N LEU A 200 40.64 39.44 -38.25
CA LEU A 200 39.62 40.24 -38.92
C LEU A 200 38.35 39.93 -38.14
N ARG A 201 37.64 40.98 -37.77
CA ARG A 201 36.42 40.80 -36.99
C ARG A 201 35.29 41.38 -37.81
N CYS A 202 34.26 40.59 -38.03
CA CYS A 202 33.14 41.06 -38.82
C CYS A 202 32.10 41.53 -37.82
N TRP A 203 31.76 42.80 -37.91
CA TRP A 203 30.76 43.34 -37.00
C TRP A 203 29.37 43.47 -37.60
N ALA A 204 28.37 43.13 -36.79
CA ALA A 204 26.97 43.24 -37.16
C ALA A 204 26.37 44.08 -36.01
N LEU A 205 25.86 45.27 -36.37
CA LEU A 205 25.32 46.18 -35.36
C LEU A 205 23.91 46.72 -35.59
N GLY A 206 23.25 47.05 -34.47
CA GLY A 206 21.92 47.62 -34.49
C GLY A 206 20.80 46.93 -35.23
N PHE A 207 20.72 45.61 -35.11
CA PHE A 207 19.69 44.84 -35.81
C PHE A 207 18.63 44.26 -34.88
N TYR A 208 17.40 44.13 -35.38
CA TYR A 208 16.30 43.56 -34.60
C TYR A 208 15.37 42.75 -35.50
N PRO A 209 14.95 41.54 -35.08
CA PRO A 209 15.24 40.79 -33.85
C PRO A 209 16.64 40.22 -33.74
N ALA A 210 16.93 39.62 -32.59
CA ALA A 210 18.24 39.07 -32.28
C ALA A 210 18.81 38.05 -33.26
N ASP A 211 17.94 37.20 -33.80
CA ASP A 211 18.38 36.17 -34.73
C ASP A 211 19.23 36.71 -35.87
N ILE A 212 20.44 36.20 -35.98
CA ILE A 212 21.34 36.62 -37.03
C ILE A 212 22.36 35.50 -37.22
N THR A 213 23.10 35.59 -38.32
CA THR A 213 24.09 34.58 -38.62
C THR A 213 25.27 35.20 -39.34
N LEU A 214 26.47 34.95 -38.82
CA LEU A 214 27.65 35.50 -39.44
C LEU A 214 28.54 34.38 -39.94
N THR A 215 29.04 34.55 -41.16
CA THR A 215 29.92 33.56 -41.78
C THR A 215 31.14 34.22 -42.39
N TRP A 216 32.19 33.43 -42.55
CA TRP A 216 33.45 33.87 -43.14
C TRP A 216 33.84 32.86 -44.22
N GLN A 217 34.32 33.33 -45.36
CA GLN A 217 34.71 32.41 -46.42
C GLN A 217 35.82 32.96 -47.27
N LEU A 218 36.77 32.09 -47.63
CA LEU A 218 37.89 32.51 -48.47
C LEU A 218 37.47 32.12 -49.89
N ASN A 219 36.53 32.89 -50.44
CA ASN A 219 35.97 32.63 -51.77
C ASN A 219 35.78 31.14 -51.91
N GLY A 220 34.68 30.64 -51.34
CA GLY A 220 34.41 29.22 -51.42
C GLY A 220 33.99 28.60 -50.11
N GLU A 221 34.91 27.91 -49.44
CA GLU A 221 34.61 27.23 -48.18
C GLU A 221 34.47 28.14 -46.97
N GLU A 222 33.35 28.01 -46.26
CA GLU A 222 33.10 28.81 -45.07
C GLU A 222 34.08 28.38 -43.97
N LEU A 223 34.75 29.35 -43.36
CA LEU A 223 35.72 29.11 -42.29
C LEU A 223 35.14 28.82 -40.90
N THR A 224 34.88 27.55 -40.62
CA THR A 224 34.34 27.16 -39.32
C THR A 224 35.51 27.01 -38.37
N GLN A 225 36.66 26.69 -38.95
CA GLN A 225 37.89 26.49 -38.20
C GLN A 225 38.55 27.82 -37.85
N ASP A 226 39.09 27.91 -36.64
CA ASP A 226 39.75 29.13 -36.17
C ASP A 226 38.87 30.36 -36.23
N MET A 227 37.56 30.16 -36.09
CA MET A 227 36.65 31.29 -36.10
C MET A 227 36.11 31.51 -34.71
N GLU A 228 36.06 32.76 -34.29
CA GLU A 228 35.54 33.06 -32.97
C GLU A 228 34.22 33.81 -33.11
N LEU A 229 33.24 33.38 -32.31
CA LEU A 229 31.91 33.97 -32.31
C LEU A 229 31.44 34.32 -30.89
N VAL A 230 30.83 35.49 -30.72
CA VAL A 230 30.33 35.88 -29.39
C VAL A 230 28.81 35.77 -29.31
N GLU A 231 28.29 35.51 -28.11
CA GLU A 231 26.85 35.43 -27.91
C GLU A 231 26.29 36.77 -28.38
N THR A 232 25.06 36.77 -28.90
CA THR A 232 24.44 38.02 -29.37
C THR A 232 24.23 38.94 -28.17
N ARG A 233 24.68 40.16 -28.26
CA ARG A 233 24.58 41.08 -27.13
C ARG A 233 23.64 42.24 -27.41
N PRO A 234 22.92 42.72 -26.38
CA PRO A 234 22.02 43.84 -26.59
C PRO A 234 22.82 45.13 -26.51
N ALA A 235 22.49 46.11 -27.35
CA ALA A 235 23.20 47.37 -27.38
C ALA A 235 22.63 48.32 -26.34
N GLY A 236 21.54 47.91 -25.71
CA GLY A 236 20.92 48.73 -24.70
C GLY A 236 19.85 49.67 -25.21
N ASP A 237 19.66 49.72 -26.52
CA ASP A 237 18.65 50.60 -27.12
C ASP A 237 17.54 49.81 -27.82
N GLY A 238 17.49 48.50 -27.57
CA GLY A 238 16.49 47.67 -28.20
C GLY A 238 17.06 46.74 -29.27
N THR A 239 18.06 47.24 -30.01
CA THR A 239 18.71 46.47 -31.07
C THR A 239 19.82 45.60 -30.49
N PHE A 240 20.40 44.73 -31.30
CA PHE A 240 21.45 43.82 -30.83
C PHE A 240 22.74 43.87 -31.65
N GLN A 241 23.79 43.27 -31.10
CA GLN A 241 25.09 43.24 -31.76
C GLN A 241 25.64 41.82 -31.79
N LYS A 242 26.70 41.65 -32.57
CA LYS A 242 27.38 40.36 -32.71
C LYS A 242 28.56 40.52 -33.62
N TRP A 243 29.56 39.68 -33.44
CA TRP A 243 30.71 39.72 -34.32
C TRP A 243 31.30 38.33 -34.39
N ALA A 244 32.11 38.13 -35.43
CA ALA A 244 32.76 36.86 -35.64
C ALA A 244 34.09 37.24 -36.23
N SER A 245 35.09 36.40 -36.03
CA SER A 245 36.41 36.70 -36.55
C SER A 245 37.12 35.44 -36.97
N VAL A 246 38.28 35.63 -37.57
CA VAL A 246 39.11 34.51 -38.01
C VAL A 246 40.54 35.01 -38.12
N VAL A 247 41.48 34.13 -37.82
CA VAL A 247 42.89 34.46 -37.94
C VAL A 247 43.09 34.50 -39.44
N VAL A 248 43.94 35.39 -39.90
CA VAL A 248 44.17 35.53 -41.33
C VAL A 248 45.62 35.94 -41.59
N PRO A 249 46.30 35.23 -42.49
CA PRO A 249 47.69 35.54 -42.82
C PRO A 249 47.86 36.97 -43.32
N LEU A 250 48.66 37.74 -42.58
CA LEU A 250 48.91 39.15 -42.90
C LEU A 250 49.15 39.38 -44.38
N GLY A 251 48.50 40.42 -44.91
CA GLY A 251 48.64 40.72 -46.32
C GLY A 251 47.68 39.96 -47.22
N LYS A 252 46.97 39.00 -46.63
CA LYS A 252 46.00 38.17 -47.35
C LYS A 252 44.56 38.51 -46.93
N GLU A 253 44.41 39.46 -46.01
CA GLU A 253 43.11 39.87 -45.48
C GLU A 253 42.01 40.16 -46.49
N GLN A 254 42.26 41.09 -47.39
CA GLN A 254 41.24 41.47 -48.37
C GLN A 254 40.72 40.34 -49.23
N ASN A 255 41.19 39.11 -49.00
CA ASN A 255 40.73 37.96 -49.77
C ASN A 255 39.63 37.19 -49.05
N TYR A 256 39.49 37.40 -47.74
CA TYR A 256 38.43 36.73 -46.99
C TYR A 256 37.19 37.58 -47.05
N THR A 257 36.03 36.94 -47.05
CA THR A 257 34.78 37.68 -47.13
C THR A 257 33.78 37.26 -46.08
N CYS A 258 33.06 38.25 -45.56
CA CYS A 258 32.06 38.01 -44.53
C CYS A 258 30.64 38.16 -45.06
N ARG A 259 29.72 37.36 -44.53
CA ARG A 259 28.32 37.38 -44.92
C ARG A 259 27.42 37.54 -43.68
N VAL A 260 26.38 38.36 -43.81
CA VAL A 260 25.44 38.59 -42.73
C VAL A 260 24.02 38.16 -43.15
N TYR A 261 23.46 37.17 -42.46
CA TYR A 261 22.10 36.69 -42.74
C TYR A 261 21.10 37.10 -41.66
N HIS A 262 20.21 38.04 -41.98
CA HIS A 262 19.21 38.54 -41.05
C HIS A 262 17.89 38.76 -41.79
N GLU A 263 16.77 38.47 -41.14
CA GLU A 263 15.45 38.63 -41.78
C GLU A 263 15.05 40.06 -42.18
N GLY A 264 15.90 41.04 -41.94
CA GLY A 264 15.53 42.39 -42.31
C GLY A 264 16.24 42.92 -43.56
N LEU A 265 17.15 42.13 -44.12
CA LEU A 265 17.88 42.57 -45.31
C LEU A 265 17.24 42.14 -46.60
N PRO A 266 17.09 43.08 -47.56
CA PRO A 266 16.47 42.69 -48.83
C PRO A 266 17.28 41.51 -49.34
N GLU A 267 18.47 41.36 -48.78
CA GLU A 267 19.38 40.26 -49.10
C GLU A 267 20.62 40.31 -48.20
N PRO A 268 21.16 39.13 -47.86
CA PRO A 268 22.34 38.99 -47.00
C PRO A 268 23.50 39.93 -47.36
N LEU A 269 24.00 40.63 -46.35
CA LEU A 269 25.12 41.55 -46.55
C LEU A 269 26.37 40.74 -46.83
N THR A 270 27.28 41.37 -47.57
CA THR A 270 28.54 40.75 -47.95
C THR A 270 29.59 41.84 -47.93
N LEU A 271 30.63 41.67 -47.14
CA LEU A 271 31.69 42.67 -47.08
C LEU A 271 33.06 42.07 -46.80
N ARG A 272 34.08 42.93 -46.82
CA ARG A 272 35.46 42.50 -46.58
C ARG A 272 36.30 43.67 -46.07
N TRP A 273 37.49 43.35 -45.55
CA TRP A 273 38.41 44.38 -45.09
C TRP A 273 38.67 45.20 -46.34
N MET B 1 23.57 27.27 -2.81
CA MET B 1 22.86 26.02 -3.23
C MET B 1 21.79 26.33 -4.28
N ILE B 2 22.02 27.37 -5.07
CA ILE B 2 21.11 27.83 -6.13
C ILE B 2 21.99 28.42 -7.25
N GLN B 3 23.25 27.97 -7.28
CA GLN B 3 24.26 28.45 -8.21
C GLN B 3 24.09 28.26 -9.72
N LYS B 4 25.06 28.81 -10.46
CA LYS B 4 25.17 28.79 -11.91
C LYS B 4 26.07 29.98 -12.28
N THR B 5 27.36 29.71 -12.54
CA THR B 5 28.33 30.76 -12.87
C THR B 5 27.95 31.69 -14.01
N PRO B 6 27.90 33.01 -13.72
CA PRO B 6 27.55 34.05 -14.69
C PRO B 6 28.55 34.27 -15.82
N GLN B 7 28.01 34.70 -16.96
CA GLN B 7 28.79 35.00 -18.16
C GLN B 7 28.80 36.51 -18.31
N ILE B 8 29.98 37.05 -18.54
CA ILE B 8 30.16 38.48 -18.63
C ILE B 8 30.70 38.95 -19.97
N GLN B 9 30.14 40.04 -20.49
CA GLN B 9 30.60 40.63 -21.73
C GLN B 9 30.58 42.13 -21.51
N VAL B 10 31.71 42.79 -21.81
CA VAL B 10 31.78 44.24 -21.67
C VAL B 10 32.01 44.86 -23.03
N TYR B 11 31.24 45.90 -23.37
CA TYR B 11 31.37 46.51 -24.68
C TYR B 11 30.59 47.82 -24.78
N SER B 12 31.01 48.67 -25.70
CA SER B 12 30.35 49.96 -25.92
C SER B 12 29.14 49.78 -26.81
N ARG B 13 28.21 50.74 -26.76
CA ARG B 13 27.01 50.64 -27.57
C ARG B 13 27.29 51.02 -29.02
N HIS B 14 28.24 51.91 -29.21
CA HIS B 14 28.61 52.35 -30.55
C HIS B 14 30.11 52.12 -30.75
N PRO B 15 30.55 51.88 -32.00
CA PRO B 15 31.98 51.66 -32.22
C PRO B 15 32.74 52.85 -31.63
N PRO B 16 33.65 52.59 -30.68
CA PRO B 16 34.45 53.62 -30.00
C PRO B 16 35.21 54.60 -30.88
N GLU B 17 35.45 55.78 -30.33
CA GLU B 17 36.19 56.86 -31.01
C GLU B 17 36.69 57.84 -29.95
N ASN B 18 37.94 57.68 -29.52
CA ASN B 18 38.55 58.55 -28.51
C ASN B 18 37.91 59.92 -28.42
N GLY B 19 37.54 60.30 -27.20
CA GLY B 19 36.94 61.60 -26.97
C GLY B 19 35.49 61.79 -27.40
N LYS B 20 34.78 60.71 -27.67
CA LYS B 20 33.38 60.85 -28.07
C LYS B 20 32.38 60.11 -27.18
N PRO B 21 31.35 60.83 -26.71
CA PRO B 21 30.33 60.22 -25.85
C PRO B 21 29.80 58.89 -26.40
N ASN B 22 29.98 57.82 -25.62
CA ASN B 22 29.52 56.50 -25.98
C ASN B 22 28.92 55.92 -24.70
N ILE B 23 28.37 54.71 -24.78
CA ILE B 23 27.81 54.06 -23.61
C ILE B 23 28.49 52.72 -23.41
N LEU B 24 28.93 52.43 -22.19
CA LEU B 24 29.61 51.17 -21.93
C LEU B 24 28.62 50.21 -21.29
N ASN B 25 28.67 48.94 -21.68
CA ASN B 25 27.75 47.98 -21.15
C ASN B 25 28.44 46.80 -20.48
N CYS B 26 27.75 46.23 -19.50
CA CYS B 26 28.22 45.04 -18.82
C CYS B 26 27.01 44.10 -18.89
N TYR B 27 27.08 43.15 -19.81
CA TYR B 27 26.01 42.21 -20.02
C TYR B 27 26.32 40.93 -19.28
N VAL B 28 25.62 40.72 -18.17
CA VAL B 28 25.82 39.57 -17.30
C VAL B 28 24.64 38.63 -17.46
N THR B 29 24.93 37.33 -17.58
CA THR B 29 23.87 36.36 -17.77
C THR B 29 24.18 34.98 -17.20
N GLN B 30 23.17 34.12 -17.20
CA GLN B 30 23.33 32.75 -16.72
C GLN B 30 23.60 32.63 -15.22
N PHE B 31 23.08 33.54 -14.42
CA PHE B 31 23.30 33.45 -12.97
C PHE B 31 22.02 33.18 -12.19
N HIS B 32 22.18 32.64 -11.00
CA HIS B 32 21.07 32.28 -10.13
C HIS B 32 21.74 32.08 -8.77
N PRO B 33 21.15 32.62 -7.69
CA PRO B 33 19.90 33.40 -7.62
C PRO B 33 20.00 34.69 -8.42
N PRO B 34 18.89 35.42 -8.52
CA PRO B 34 18.97 36.66 -9.29
C PRO B 34 19.79 37.75 -8.56
N HIS B 35 19.89 37.66 -7.24
CA HIS B 35 20.64 38.65 -6.47
C HIS B 35 22.12 38.68 -6.91
N ILE B 36 22.55 39.84 -7.41
CA ILE B 36 23.91 39.99 -7.91
C ILE B 36 24.39 41.43 -7.72
N GLU B 37 25.71 41.61 -7.55
CA GLU B 37 26.31 42.92 -7.34
C GLU B 37 27.25 43.27 -8.50
N ILE B 38 26.91 44.31 -9.25
CA ILE B 38 27.71 44.71 -10.39
C ILE B 38 28.31 46.10 -10.28
N GLN B 39 29.63 46.21 -10.45
CA GLN B 39 30.32 47.49 -10.40
C GLN B 39 31.01 47.80 -11.72
N MET B 40 30.97 49.06 -12.13
CA MET B 40 31.60 49.48 -13.36
C MET B 40 32.81 50.31 -12.94
N LEU B 41 34.02 49.82 -13.20
CA LEU B 41 35.21 50.55 -12.82
C LEU B 41 35.84 51.33 -13.98
N LYS B 42 36.45 52.46 -13.63
CA LYS B 42 37.17 53.33 -14.58
C LYS B 42 38.53 53.51 -13.92
N ASN B 43 39.55 52.86 -14.46
CA ASN B 43 40.87 52.94 -13.87
C ASN B 43 40.76 52.42 -12.45
N GLY B 44 40.17 51.23 -12.31
CA GLY B 44 40.03 50.61 -11.01
C GLY B 44 39.21 51.39 -9.99
N LYS B 45 38.63 52.51 -10.41
CA LYS B 45 37.82 53.37 -9.54
C LYS B 45 36.33 53.17 -9.83
N LYS B 46 35.57 52.78 -8.82
CA LYS B 46 34.13 52.58 -8.94
C LYS B 46 33.43 53.76 -9.60
N ILE B 47 32.65 53.47 -10.64
CA ILE B 47 31.92 54.50 -11.37
C ILE B 47 30.54 54.68 -10.74
N PRO B 48 30.11 55.94 -10.56
CA PRO B 48 28.80 56.20 -9.95
C PRO B 48 27.63 56.18 -10.93
N LYS B 49 26.43 56.18 -10.37
CA LYS B 49 25.18 56.19 -11.11
C LYS B 49 25.04 55.13 -12.20
N VAL B 50 25.73 54.00 -12.05
CA VAL B 50 25.63 52.93 -13.06
C VAL B 50 24.22 52.38 -13.13
N GLU B 51 23.53 52.62 -14.23
CA GLU B 51 22.16 52.15 -14.37
C GLU B 51 22.13 50.66 -14.67
N MET B 52 21.13 49.98 -14.11
CA MET B 52 20.92 48.54 -14.31
C MET B 52 19.60 48.40 -15.04
N SER B 53 19.46 47.34 -15.82
CA SER B 53 18.24 47.09 -16.56
C SER B 53 17.31 46.28 -15.66
N ASP B 54 16.02 46.19 -16.02
CA ASP B 54 15.08 45.40 -15.24
C ASP B 54 15.46 43.93 -15.37
N MET B 55 15.22 43.12 -14.34
CA MET B 55 15.62 41.72 -14.41
C MET B 55 14.66 40.78 -15.06
N SER B 56 15.19 39.99 -15.98
CA SER B 56 14.41 39.03 -16.73
C SER B 56 15.19 37.74 -16.70
N PHE B 57 14.50 36.62 -16.80
CA PHE B 57 15.19 35.35 -16.81
C PHE B 57 14.92 34.63 -18.14
N SER B 58 15.59 33.50 -18.35
CA SER B 58 15.41 32.75 -19.59
C SER B 58 14.69 31.44 -19.39
N LYS B 59 14.42 30.75 -20.49
CA LYS B 59 13.70 29.47 -20.45
C LYS B 59 14.37 28.45 -19.55
N ASP B 60 15.66 28.64 -19.26
CA ASP B 60 16.38 27.69 -18.42
C ASP B 60 16.37 28.14 -16.96
N TRP B 61 15.53 29.14 -16.69
CA TRP B 61 15.37 29.73 -15.36
C TRP B 61 16.50 30.68 -14.95
N SER B 62 17.65 30.62 -15.61
CA SER B 62 18.75 31.52 -15.25
C SER B 62 18.33 32.95 -15.53
N PHE B 63 18.96 33.91 -14.86
CA PHE B 63 18.62 35.33 -15.05
C PHE B 63 19.71 36.04 -15.83
N TYR B 64 19.37 37.23 -16.34
CA TYR B 64 20.31 38.05 -17.07
C TYR B 64 19.95 39.53 -16.85
N ILE B 65 20.96 40.40 -16.91
CA ILE B 65 20.77 41.82 -16.68
C ILE B 65 21.82 42.65 -17.42
N LEU B 66 21.44 43.87 -17.79
CA LEU B 66 22.35 44.76 -18.50
C LEU B 66 22.65 46.00 -17.68
N ALA B 67 23.91 46.12 -17.27
CA ALA B 67 24.36 47.25 -16.48
C ALA B 67 25.07 48.17 -17.45
N HIS B 68 24.77 49.45 -17.36
CA HIS B 68 25.41 50.40 -18.26
C HIS B 68 25.61 51.76 -17.63
N THR B 69 26.49 52.53 -18.24
CA THR B 69 26.82 53.87 -17.79
C THR B 69 27.41 54.61 -18.97
N GLU B 70 27.15 55.91 -19.05
CA GLU B 70 27.68 56.72 -20.12
C GLU B 70 29.17 56.95 -19.86
N PHE B 71 29.94 57.17 -20.92
CA PHE B 71 31.36 57.39 -20.76
C PHE B 71 32.01 57.84 -22.05
N THR B 72 33.17 58.49 -21.92
CA THR B 72 33.90 58.97 -23.09
C THR B 72 35.28 58.33 -23.07
N PRO B 73 35.51 57.37 -23.97
CA PRO B 73 36.78 56.64 -24.11
C PRO B 73 37.97 57.49 -24.54
N THR B 74 39.16 57.07 -24.13
CA THR B 74 40.38 57.79 -24.48
C THR B 74 41.38 56.76 -24.97
N GLU B 75 42.67 57.03 -24.76
CA GLU B 75 43.70 56.09 -25.18
C GLU B 75 44.34 55.43 -23.97
N THR B 76 44.26 56.10 -22.83
CA THR B 76 44.87 55.54 -21.62
C THR B 76 43.89 55.01 -20.59
N ASP B 77 42.69 55.59 -20.52
CA ASP B 77 41.72 55.11 -19.53
C ASP B 77 41.33 53.66 -19.73
N THR B 78 41.27 52.92 -18.65
CA THR B 78 40.87 51.53 -18.74
C THR B 78 39.52 51.48 -18.03
N TYR B 79 38.65 50.60 -18.52
CA TYR B 79 37.34 50.40 -17.92
C TYR B 79 37.17 48.90 -17.73
N ALA B 80 36.28 48.50 -16.85
CA ALA B 80 36.06 47.09 -16.62
C ALA B 80 34.76 46.90 -15.88
N CYS B 81 34.39 45.65 -15.64
CA CYS B 81 33.17 45.33 -14.91
C CYS B 81 33.53 44.27 -13.87
N ARG B 82 33.06 44.49 -12.64
CA ARG B 82 33.34 43.58 -11.54
C ARG B 82 32.00 43.08 -11.04
N VAL B 83 31.89 41.75 -10.98
CA VAL B 83 30.66 41.10 -10.58
C VAL B 83 30.85 40.13 -9.42
N LYS B 84 30.06 40.29 -8.36
CA LYS B 84 30.15 39.35 -7.25
C LYS B 84 28.81 38.62 -7.22
N HIS B 85 28.87 37.29 -7.25
CA HIS B 85 27.67 36.47 -7.24
C HIS B 85 27.98 35.21 -6.44
N ASP B 86 27.03 34.75 -5.65
CA ASP B 86 27.23 33.59 -4.81
C ASP B 86 27.63 32.29 -5.49
N SER B 87 27.84 32.32 -6.80
CA SER B 87 28.22 31.10 -7.49
C SER B 87 29.71 31.12 -7.80
N MET B 88 30.36 32.19 -7.35
CA MET B 88 31.81 32.35 -7.58
C MET B 88 32.47 32.67 -6.25
N ALA B 89 33.38 31.78 -5.83
CA ALA B 89 34.10 31.94 -4.57
C ALA B 89 34.79 33.29 -4.45
N GLU B 90 34.66 34.12 -5.49
CA GLU B 90 35.28 35.44 -5.48
C GLU B 90 34.73 36.31 -6.61
N PRO B 91 34.78 37.63 -6.44
CA PRO B 91 34.27 38.50 -7.49
C PRO B 91 35.13 38.38 -8.73
N LYS B 92 34.51 38.48 -9.89
CA LYS B 92 35.22 38.39 -11.15
C LYS B 92 35.21 39.74 -11.84
N THR B 93 36.38 40.19 -12.29
CA THR B 93 36.51 41.46 -12.99
C THR B 93 36.94 41.18 -14.44
N VAL B 94 36.34 41.89 -15.38
CA VAL B 94 36.69 41.71 -16.78
C VAL B 94 36.84 43.08 -17.41
N TYR B 95 37.98 43.29 -18.06
CA TYR B 95 38.26 44.57 -18.69
C TYR B 95 37.67 44.71 -20.08
N TRP B 96 37.45 45.96 -20.46
CA TRP B 96 36.89 46.29 -21.76
C TRP B 96 38.00 46.39 -22.77
N ASP B 97 37.89 45.63 -23.86
CA ASP B 97 38.89 45.66 -24.92
C ASP B 97 38.14 46.21 -26.13
N ARG B 98 38.33 47.48 -26.42
CA ARG B 98 37.64 48.13 -27.52
C ARG B 98 37.55 47.38 -28.87
N ASP B 99 38.23 46.24 -29.03
CA ASP B 99 38.15 45.48 -30.28
C ASP B 99 37.25 44.26 -30.13
N MET B 100 36.49 44.21 -29.04
CA MET B 100 35.59 43.09 -28.77
C MET B 100 34.27 43.63 -28.25
N ALA C 1 -3.17 38.72 -20.96
CA ALA C 1 -3.90 38.46 -19.69
C ALA C 1 -3.13 37.40 -18.93
N ALA C 2 -2.81 37.73 -17.68
CA ALA C 2 -2.04 36.86 -16.82
C ALA C 2 -2.86 35.74 -16.23
N VAL C 3 -2.18 34.64 -15.94
CA VAL C 3 -2.76 33.47 -15.31
C VAL C 3 -3.05 33.88 -13.87
N TYR C 4 -3.88 33.09 -13.19
CA TYR C 4 -4.21 33.32 -11.79
C TYR C 4 -4.14 31.90 -11.18
N ASN C 5 -3.14 31.65 -10.35
CA ASN C 5 -2.95 30.32 -9.79
C ASN C 5 -4.08 29.83 -8.88
N PHE C 6 -4.22 28.52 -8.76
CA PHE C 6 -5.25 27.97 -7.92
C PHE C 6 -4.59 27.50 -6.63
N ALA C 7 -4.74 26.23 -6.27
CA ALA C 7 -4.14 25.72 -5.04
C ALA C 7 -2.67 26.15 -4.88
N THR C 8 -2.29 26.52 -3.66
CA THR C 8 -0.90 26.92 -3.43
C THR C 8 -0.03 25.67 -3.48
N MET C 9 1.28 25.87 -3.46
CA MET C 9 2.17 24.73 -3.53
C MET C 9 2.05 23.90 -2.27
N PRO D 1 -7.08 -23.38 32.18
CA PRO D 1 -6.30 -24.62 31.96
C PRO D 1 -6.40 -25.11 30.50
N HIS D 2 -6.17 -24.20 29.57
CA HIS D 2 -6.21 -24.48 28.14
C HIS D 2 -5.43 -25.74 27.75
N SER D 3 -5.68 -26.24 26.54
CA SER D 3 -4.99 -27.41 26.02
C SER D 3 -5.15 -27.54 24.51
N MET D 4 -4.34 -28.39 23.91
CA MET D 4 -4.44 -28.63 22.48
C MET D 4 -4.12 -30.10 22.17
N ARG D 5 -4.98 -30.71 21.36
CA ARG D 5 -4.82 -32.10 20.97
C ARG D 5 -5.08 -32.34 19.47
N TYR D 6 -4.57 -33.46 18.98
CA TYR D 6 -4.75 -33.88 17.59
C TYR D 6 -5.04 -35.37 17.65
N PHE D 7 -6.30 -35.72 17.40
CA PHE D 7 -6.71 -37.11 17.43
C PHE D 7 -6.65 -37.63 16.01
N GLU D 8 -5.74 -38.57 15.78
CA GLU D 8 -5.55 -39.11 14.44
C GLU D 8 -5.92 -40.58 14.37
N THR D 9 -6.57 -40.94 13.26
CA THR D 9 -7.00 -42.29 13.02
C THR D 9 -6.79 -42.72 11.58
N ALA D 10 -6.36 -43.97 11.44
CA ALA D 10 -6.13 -44.57 10.14
C ALA D 10 -6.67 -45.99 10.26
N VAL D 11 -7.66 -46.32 9.44
CA VAL D 11 -8.23 -47.66 9.47
C VAL D 11 -8.11 -48.36 8.12
N SER D 12 -7.71 -49.64 8.15
CA SER D 12 -7.54 -50.43 6.93
C SER D 12 -8.76 -51.33 6.72
N ARG D 13 -9.22 -51.42 5.47
CA ARG D 13 -10.37 -52.26 5.19
C ARG D 13 -10.14 -53.12 3.98
N PRO D 14 -10.76 -54.31 3.97
CA PRO D 14 -10.61 -55.24 2.84
C PRO D 14 -11.07 -54.53 1.57
N GLY D 15 -10.36 -54.77 0.47
CA GLY D 15 -10.73 -54.11 -0.77
C GLY D 15 -9.53 -53.53 -1.46
N LEU D 16 -9.79 -52.74 -2.50
CA LEU D 16 -8.71 -52.13 -3.27
C LEU D 16 -8.30 -50.76 -2.73
N GLU D 17 -9.16 -50.21 -1.86
CA GLU D 17 -8.95 -48.89 -1.27
C GLU D 17 -7.85 -48.84 -0.20
N GLU D 18 -7.05 -47.76 -0.23
CA GLU D 18 -5.97 -47.52 0.74
C GLU D 18 -6.67 -47.16 2.05
N PRO D 19 -5.99 -47.34 3.20
CA PRO D 19 -6.72 -46.95 4.42
C PRO D 19 -7.07 -45.49 4.53
N ARG D 20 -8.19 -45.24 5.19
CA ARG D 20 -8.70 -43.90 5.43
C ARG D 20 -7.91 -43.23 6.55
N TYR D 21 -7.58 -41.96 6.38
CA TYR D 21 -6.85 -41.22 7.40
C TYR D 21 -7.68 -40.04 7.84
N ILE D 22 -7.90 -39.94 9.14
CA ILE D 22 -8.70 -38.85 9.69
C ILE D 22 -8.02 -38.19 10.88
N SER D 23 -7.84 -36.88 10.81
CA SER D 23 -7.22 -36.15 11.89
C SER D 23 -8.12 -35.04 12.40
N VAL D 24 -8.31 -34.98 13.70
CA VAL D 24 -9.16 -33.93 14.25
C VAL D 24 -8.41 -33.15 15.29
N GLY D 25 -8.42 -31.82 15.15
CA GLY D 25 -7.72 -30.97 16.09
C GLY D 25 -8.64 -30.29 17.10
N TYR D 26 -8.16 -30.13 18.32
CA TYR D 26 -8.96 -29.50 19.37
C TYR D 26 -8.19 -28.48 20.19
N VAL D 27 -8.90 -27.40 20.54
CA VAL D 27 -8.36 -26.34 21.37
C VAL D 27 -9.37 -26.20 22.51
N ASP D 28 -8.92 -26.52 23.72
CA ASP D 28 -9.79 -26.48 24.89
C ASP D 28 -11.04 -27.32 24.66
N ASN D 29 -10.82 -28.57 24.26
CA ASN D 29 -11.87 -29.55 23.99
C ASN D 29 -12.77 -29.29 22.79
N LYS D 30 -12.61 -28.14 22.14
CA LYS D 30 -13.43 -27.79 20.98
C LYS D 30 -12.73 -28.08 19.63
N GLU D 31 -13.44 -28.74 18.72
CA GLU D 31 -12.89 -29.07 17.41
C GLU D 31 -12.67 -27.79 16.62
N PHE D 32 -11.51 -27.64 15.99
CA PHE D 32 -11.27 -26.43 15.21
C PHE D 32 -10.67 -26.68 13.81
N VAL D 33 -10.14 -27.88 13.61
CA VAL D 33 -9.60 -28.27 12.31
C VAL D 33 -9.78 -29.77 12.20
N ARG D 34 -10.07 -30.23 10.98
CA ARG D 34 -10.28 -31.65 10.72
C ARG D 34 -9.74 -32.00 9.34
N PHE D 35 -9.33 -33.26 9.17
CA PHE D 35 -8.80 -33.73 7.89
C PHE D 35 -9.20 -35.19 7.66
N ASP D 36 -9.83 -35.42 6.52
CA ASP D 36 -10.33 -36.74 6.13
C ASP D 36 -9.79 -37.09 4.74
N SER D 37 -9.18 -38.26 4.59
CA SER D 37 -8.64 -38.65 3.30
C SER D 37 -9.77 -39.10 2.36
N ASP D 38 -10.97 -39.26 2.88
CA ASP D 38 -12.10 -39.66 2.06
C ASP D 38 -12.75 -38.45 1.41
N ALA D 39 -12.28 -37.25 1.72
CA ALA D 39 -12.91 -36.08 1.13
C ALA D 39 -12.66 -36.07 -0.37
N GLU D 40 -13.40 -35.23 -1.08
CA GLU D 40 -13.25 -35.14 -2.52
C GLU D 40 -11.92 -34.43 -2.75
N ASN D 41 -11.57 -33.52 -1.84
CA ASN D 41 -10.30 -32.81 -1.92
C ASN D 41 -9.70 -32.77 -0.52
N PRO D 42 -8.96 -33.83 -0.14
CA PRO D 42 -8.35 -33.89 1.18
C PRO D 42 -7.59 -32.60 1.53
N ARG D 43 -7.96 -31.99 2.64
CA ARG D 43 -7.34 -30.75 3.08
C ARG D 43 -7.80 -30.49 4.50
N TYR D 44 -6.96 -29.82 5.28
CA TYR D 44 -7.37 -29.46 6.62
C TYR D 44 -8.37 -28.32 6.42
N GLU D 45 -9.46 -28.33 7.19
CA GLU D 45 -10.44 -27.26 7.08
C GLU D 45 -10.86 -26.68 8.43
N PRO D 46 -11.33 -25.42 8.42
CA PRO D 46 -11.78 -24.67 9.60
C PRO D 46 -12.99 -25.30 10.26
N ARG D 47 -12.91 -25.51 11.56
CA ARG D 47 -14.00 -26.14 12.29
C ARG D 47 -14.53 -25.23 13.39
N ALA D 48 -14.05 -24.00 13.39
CA ALA D 48 -14.46 -22.98 14.33
C ALA D 48 -14.31 -21.68 13.59
N PRO D 49 -15.22 -20.73 13.81
CA PRO D 49 -15.14 -19.44 13.12
C PRO D 49 -13.81 -18.70 13.23
N TRP D 50 -13.19 -18.69 14.40
CA TRP D 50 -11.91 -17.98 14.56
C TRP D 50 -10.76 -18.43 13.66
N MET D 51 -10.74 -19.69 13.29
CA MET D 51 -9.68 -20.20 12.43
C MET D 51 -9.73 -19.64 11.01
N GLU D 52 -10.77 -18.87 10.72
CA GLU D 52 -10.92 -18.29 9.40
C GLU D 52 -10.16 -16.98 9.30
N GLN D 53 -9.17 -16.81 10.16
CA GLN D 53 -8.34 -15.62 10.15
C GLN D 53 -6.99 -16.04 9.55
N GLU D 54 -6.80 -17.35 9.50
CA GLU D 54 -5.59 -17.96 8.96
C GLU D 54 -5.51 -17.90 7.44
N GLY D 55 -4.35 -17.54 6.92
CA GLY D 55 -4.15 -17.43 5.49
C GLY D 55 -3.99 -18.78 4.83
N PRO D 56 -3.98 -18.82 3.50
CA PRO D 56 -3.84 -20.06 2.73
C PRO D 56 -2.57 -20.84 3.00
N GLU D 57 -1.47 -20.14 3.28
CA GLU D 57 -0.22 -20.85 3.52
C GLU D 57 -0.30 -21.68 4.79
N TYR D 58 -1.14 -21.26 5.73
CA TYR D 58 -1.29 -22.02 6.96
C TYR D 58 -1.98 -23.33 6.58
N TRP D 59 -3.08 -23.22 5.85
CA TRP D 59 -3.83 -24.42 5.45
C TRP D 59 -2.96 -25.32 4.59
N GLU D 60 -2.26 -24.74 3.63
CA GLU D 60 -1.39 -25.52 2.76
C GLU D 60 -0.31 -26.20 3.61
N ARG D 61 0.22 -25.47 4.59
CA ARG D 61 1.27 -26.05 5.43
C ARG D 61 0.75 -27.25 6.22
N GLU D 62 -0.28 -27.05 7.02
CA GLU D 62 -0.86 -28.14 7.81
C GLU D 62 -1.31 -29.30 6.92
N THR D 63 -1.94 -28.98 5.80
CA THR D 63 -2.39 -30.03 4.89
C THR D 63 -1.22 -30.91 4.50
N GLN D 64 -0.06 -30.30 4.23
CA GLN D 64 1.13 -31.09 3.87
C GLN D 64 1.59 -32.01 5.00
N LYS D 65 1.47 -31.57 6.26
CA LYS D 65 1.85 -32.46 7.37
C LYS D 65 0.82 -33.59 7.25
N ALA D 66 -0.43 -33.19 7.01
CA ALA D 66 -1.51 -34.16 6.87
C ALA D 66 -1.07 -35.22 5.87
N LYS D 67 -0.82 -34.83 4.62
CA LYS D 67 -0.38 -35.78 3.61
C LYS D 67 0.75 -36.70 4.10
N GLY D 68 1.69 -36.14 4.84
CA GLY D 68 2.80 -36.92 5.36
C GLY D 68 2.42 -37.97 6.38
N GLN D 69 1.53 -37.59 7.29
CA GLN D 69 1.05 -38.49 8.35
C GLN D 69 0.35 -39.69 7.73
N GLU D 70 -0.40 -39.44 6.66
CA GLU D 70 -1.12 -40.51 5.97
C GLU D 70 -0.17 -41.65 5.64
N GLN D 71 0.88 -41.36 4.88
CA GLN D 71 1.87 -42.37 4.54
C GLN D 71 2.43 -42.99 5.82
N TRP D 72 2.73 -42.14 6.80
CA TRP D 72 3.29 -42.61 8.06
C TRP D 72 2.37 -43.62 8.70
N PHE D 73 1.05 -43.40 8.62
CA PHE D 73 0.12 -44.35 9.21
C PHE D 73 -0.06 -45.58 8.36
N ARG D 74 -0.11 -45.37 7.04
CA ARG D 74 -0.24 -46.45 6.07
C ARG D 74 0.96 -47.38 6.23
N VAL D 75 2.15 -46.79 6.31
CA VAL D 75 3.35 -47.59 6.50
C VAL D 75 3.34 -48.27 7.87
N SER D 76 3.06 -47.51 8.93
CA SER D 76 3.05 -48.08 10.28
C SER D 76 2.00 -49.17 10.41
N LEU D 77 0.89 -48.98 9.72
CA LEU D 77 -0.17 -49.98 9.78
C LEU D 77 0.42 -51.28 9.22
N ARG D 78 1.19 -51.18 8.15
CA ARG D 78 1.79 -52.37 7.57
C ARG D 78 2.81 -53.01 8.54
N ASN D 79 3.61 -52.19 9.22
CA ASN D 79 4.57 -52.80 10.15
C ASN D 79 3.92 -53.52 11.32
N LEU D 80 2.72 -53.09 11.73
CA LEU D 80 2.03 -53.75 12.82
C LEU D 80 1.59 -55.18 12.47
N LEU D 81 1.04 -55.37 11.28
CA LEU D 81 0.60 -56.71 10.86
C LEU D 81 1.77 -57.69 10.97
N GLY D 82 2.95 -57.24 10.61
CA GLY D 82 4.11 -58.11 10.69
C GLY D 82 4.41 -58.45 12.13
N TYR D 83 4.47 -57.43 12.98
CA TYR D 83 4.76 -57.62 14.40
C TYR D 83 3.81 -58.62 15.04
N TYR D 84 2.53 -58.46 14.76
CA TYR D 84 1.51 -59.34 15.34
C TYR D 84 1.20 -60.59 14.54
N ASN D 85 1.84 -60.72 13.38
CA ASN D 85 1.63 -61.86 12.51
C ASN D 85 0.15 -61.98 12.14
N GLN D 86 -0.46 -60.87 11.74
CA GLN D 86 -1.87 -60.88 11.37
C GLN D 86 -2.02 -61.13 9.88
N SER D 87 -3.27 -61.33 9.43
CA SER D 87 -3.54 -61.61 8.02
C SER D 87 -4.03 -60.41 7.23
N ALA D 88 -4.04 -60.55 5.91
CA ALA D 88 -4.42 -59.47 5.00
C ALA D 88 -5.90 -59.22 4.71
N GLY D 89 -6.78 -60.14 5.09
CA GLY D 89 -8.18 -59.92 4.78
C GLY D 89 -9.11 -59.25 5.78
N GLY D 90 -8.56 -58.55 6.78
CA GLY D 90 -9.43 -57.91 7.74
C GLY D 90 -9.32 -56.39 7.77
N SER D 91 -9.55 -55.84 8.97
CA SER D 91 -9.47 -54.40 9.16
C SER D 91 -8.81 -54.15 10.51
N HIS D 92 -8.00 -53.11 10.53
CA HIS D 92 -7.27 -52.76 11.73
C HIS D 92 -7.36 -51.26 11.97
N THR D 93 -7.18 -50.88 13.23
CA THR D 93 -7.25 -49.50 13.64
C THR D 93 -6.00 -49.05 14.40
N LEU D 94 -5.44 -47.94 13.95
CA LEU D 94 -4.26 -47.36 14.57
C LEU D 94 -4.66 -45.93 14.87
N GLN D 95 -4.63 -45.57 16.15
CA GLN D 95 -5.00 -44.24 16.63
C GLN D 95 -3.83 -43.53 17.33
N GLN D 96 -3.83 -42.19 17.24
CA GLN D 96 -2.81 -41.38 17.88
C GLN D 96 -3.42 -40.17 18.59
N MET D 97 -2.84 -39.82 19.73
CA MET D 97 -3.26 -38.66 20.50
C MET D 97 -1.99 -37.95 20.93
N SER D 98 -1.89 -36.66 20.64
CA SER D 98 -0.71 -35.91 21.02
C SER D 98 -1.15 -34.47 21.22
N GLY D 99 -0.47 -33.77 22.13
CA GLY D 99 -0.82 -32.39 22.42
C GLY D 99 -0.20 -31.86 23.71
N CYS D 100 -0.55 -30.64 24.07
CA CYS D 100 -0.01 -30.01 25.28
C CYS D 100 -1.05 -29.29 26.13
N ASP D 101 -0.91 -29.38 27.45
CA ASP D 101 -1.82 -28.67 28.35
C ASP D 101 -1.09 -27.47 28.91
N LEU D 102 -1.79 -26.34 28.96
CA LEU D 102 -1.24 -25.11 29.50
C LEU D 102 -2.06 -24.71 30.73
N GLY D 103 -1.43 -24.00 31.66
CA GLY D 103 -2.16 -23.57 32.83
C GLY D 103 -2.78 -22.25 32.46
N SER D 104 -3.42 -21.60 33.42
CA SER D 104 -4.05 -20.30 33.17
C SER D 104 -2.94 -19.26 32.96
N ASP D 105 -1.75 -19.57 33.48
CA ASP D 105 -0.60 -18.68 33.35
C ASP D 105 0.14 -18.91 32.03
N TRP D 106 -0.46 -19.69 31.14
CA TRP D 106 0.13 -19.97 29.83
C TRP D 106 1.38 -20.85 29.88
N ARG D 107 1.67 -21.41 31.04
CA ARG D 107 2.82 -22.28 31.23
C ARG D 107 2.49 -23.74 30.93
N LEU D 108 3.40 -24.43 30.25
CA LEU D 108 3.19 -25.82 29.89
C LEU D 108 3.18 -26.74 31.11
N LEU D 109 2.12 -27.54 31.25
CA LEU D 109 2.03 -28.47 32.37
C LEU D 109 2.49 -29.86 31.95
N ARG D 110 2.03 -30.31 30.79
CA ARG D 110 2.38 -31.65 30.34
C ARG D 110 2.25 -31.88 28.83
N GLY D 111 3.12 -32.74 28.30
CA GLY D 111 3.10 -33.07 26.89
C GLY D 111 2.44 -34.43 26.71
N TYR D 112 1.79 -34.65 25.57
CA TYR D 112 1.14 -35.92 25.30
C TYR D 112 1.52 -36.50 23.95
N LEU D 113 1.82 -37.79 23.92
CA LEU D 113 2.19 -38.47 22.69
C LEU D 113 1.99 -39.97 22.95
N GLN D 114 0.86 -40.49 22.50
CA GLN D 114 0.55 -41.90 22.71
C GLN D 114 -0.20 -42.49 21.54
N PHE D 115 -0.08 -43.80 21.36
CA PHE D 115 -0.73 -44.51 20.25
C PHE D 115 -1.40 -45.81 20.68
N ALA D 116 -2.45 -46.17 19.96
CA ALA D 116 -3.17 -47.41 20.22
C ALA D 116 -3.36 -48.20 18.90
N TYR D 117 -3.40 -49.51 19.05
CA TYR D 117 -3.62 -50.40 17.93
C TYR D 117 -4.85 -51.22 18.35
N GLU D 118 -5.80 -51.36 17.43
CA GLU D 118 -7.01 -52.10 17.71
C GLU D 118 -7.64 -51.57 19.00
N GLY D 119 -7.53 -50.26 19.22
CA GLY D 119 -8.14 -49.65 20.40
C GLY D 119 -7.54 -49.93 21.76
N ARG D 120 -6.36 -50.56 21.79
CA ARG D 120 -5.67 -50.88 23.03
C ARG D 120 -4.37 -50.10 23.04
N ASP D 121 -3.92 -49.65 24.20
CA ASP D 121 -2.67 -48.88 24.27
C ASP D 121 -1.53 -49.65 23.62
N TYR D 122 -0.74 -48.95 22.82
CA TYR D 122 0.39 -49.59 22.15
C TYR D 122 1.69 -49.01 22.72
N ILE D 123 1.96 -47.74 22.44
CA ILE D 123 3.18 -47.10 22.92
C ILE D 123 2.90 -45.63 23.27
N ALA D 124 3.60 -45.11 24.28
CA ALA D 124 3.38 -43.73 24.70
C ALA D 124 4.66 -43.08 25.23
N LEU D 125 4.81 -41.79 24.97
CA LEU D 125 5.99 -41.07 25.45
C LEU D 125 5.65 -40.73 26.90
N ASN D 126 6.61 -40.93 27.79
CA ASN D 126 6.37 -40.65 29.21
C ASN D 126 6.29 -39.15 29.48
N GLU D 127 5.96 -38.79 30.71
CA GLU D 127 5.83 -37.37 31.05
C GLU D 127 7.16 -36.60 31.00
N ASP D 128 8.28 -37.30 30.99
CA ASP D 128 9.54 -36.59 30.92
C ASP D 128 9.90 -36.31 29.47
N LEU D 129 9.00 -36.67 28.57
CA LEU D 129 9.22 -36.44 27.14
C LEU D 129 10.57 -37.01 26.71
N LYS D 130 11.05 -38.03 27.43
CA LYS D 130 12.33 -38.67 27.14
C LYS D 130 12.28 -40.19 27.04
N THR D 131 11.46 -40.84 27.86
CA THR D 131 11.38 -42.29 27.84
C THR D 131 10.03 -42.83 27.39
N TRP D 132 10.04 -44.04 26.84
CA TRP D 132 8.81 -44.64 26.34
C TRP D 132 8.23 -45.73 27.25
N THR D 133 6.94 -45.99 27.05
CA THR D 133 6.21 -47.03 27.77
C THR D 133 5.54 -47.86 26.67
N ALA D 134 5.97 -49.11 26.53
CA ALA D 134 5.43 -50.01 25.51
C ALA D 134 4.52 -51.02 26.19
N ALA D 135 3.30 -51.14 25.70
CA ALA D 135 2.31 -52.04 26.30
C ALA D 135 2.52 -53.54 26.13
N ASP D 136 2.89 -54.00 24.94
CA ASP D 136 3.09 -55.44 24.75
C ASP D 136 4.40 -55.75 24.03
N MET D 137 4.59 -57.02 23.68
CA MET D 137 5.78 -57.47 23.00
C MET D 137 6.04 -56.74 21.68
N ALA D 138 4.97 -56.42 20.95
CA ALA D 138 5.14 -55.69 19.69
C ALA D 138 5.70 -54.34 20.05
N ALA D 139 5.01 -53.66 20.97
CA ALA D 139 5.39 -52.33 21.44
C ALA D 139 6.91 -52.24 21.73
N GLN D 140 7.49 -53.32 22.22
CA GLN D 140 8.92 -53.35 22.50
C GLN D 140 9.77 -53.08 21.25
N ILE D 141 9.38 -53.64 20.11
CA ILE D 141 10.14 -53.42 18.88
C ILE D 141 10.08 -51.95 18.43
N THR D 142 8.93 -51.32 18.61
CA THR D 142 8.79 -49.91 18.24
C THR D 142 9.60 -49.05 19.20
N ARG D 143 9.59 -49.44 20.48
CA ARG D 143 10.31 -48.69 21.51
C ARG D 143 11.79 -48.62 21.16
N ARG D 144 12.37 -49.77 20.85
CA ARG D 144 13.78 -49.86 20.51
C ARG D 144 14.08 -49.07 19.23
N LYS D 145 13.22 -49.23 18.25
CA LYS D 145 13.40 -48.53 16.98
C LYS D 145 13.50 -47.03 17.25
N TRP D 146 12.56 -46.50 18.04
CA TRP D 146 12.50 -45.08 18.37
C TRP D 146 13.59 -44.60 19.31
N GLU D 147 14.01 -45.47 20.22
CA GLU D 147 15.09 -45.11 21.15
C GLU D 147 16.41 -44.95 20.39
N GLN D 148 16.64 -45.82 19.40
CA GLN D 148 17.86 -45.77 18.59
C GLN D 148 17.85 -44.66 17.55
N SER D 149 16.67 -44.22 17.15
CA SER D 149 16.54 -43.14 16.16
C SER D 149 16.44 -41.80 16.85
N GLY D 150 16.24 -41.85 18.17
CA GLY D 150 16.12 -40.64 18.95
C GLY D 150 14.86 -39.87 18.62
N ALA D 151 13.74 -40.58 18.61
CA ALA D 151 12.46 -39.95 18.29
C ALA D 151 11.91 -39.06 19.41
N ALA D 152 12.10 -39.48 20.66
CA ALA D 152 11.60 -38.72 21.81
C ALA D 152 11.97 -37.25 21.85
N GLU D 153 13.21 -36.93 21.48
CA GLU D 153 13.68 -35.55 21.51
C GLU D 153 13.04 -34.69 20.43
N HIS D 154 12.47 -35.33 19.43
CA HIS D 154 11.83 -34.57 18.37
C HIS D 154 10.33 -34.35 18.60
N TYR D 155 9.66 -35.27 19.27
CA TYR D 155 8.26 -35.06 19.59
C TYR D 155 8.27 -34.06 20.74
N LYS D 156 9.25 -34.20 21.63
CA LYS D 156 9.39 -33.31 22.77
C LYS D 156 9.53 -31.90 22.25
N ALA D 157 10.29 -31.72 21.17
CA ALA D 157 10.49 -30.40 20.59
C ALA D 157 9.14 -29.81 20.19
N TYR D 158 8.37 -30.57 19.45
CA TYR D 158 7.06 -30.11 19.02
C TYR D 158 6.16 -29.76 20.21
N LEU D 159 6.17 -30.61 21.23
CA LEU D 159 5.35 -30.42 22.41
C LEU D 159 5.69 -29.22 23.27
N GLU D 160 6.98 -28.97 23.51
CA GLU D 160 7.36 -27.83 24.35
C GLU D 160 7.43 -26.55 23.53
N GLY D 161 7.53 -26.71 22.22
CA GLY D 161 7.62 -25.55 21.36
C GLY D 161 6.39 -25.25 20.52
N GLU D 162 6.35 -25.81 19.31
CA GLU D 162 5.25 -25.59 18.36
C GLU D 162 3.85 -25.71 18.98
N CYS D 163 3.68 -26.70 19.83
CA CYS D 163 2.41 -26.93 20.49
C CYS D 163 2.01 -25.76 21.41
N VAL D 164 2.99 -25.22 22.14
CA VAL D 164 2.72 -24.12 23.05
C VAL D 164 2.61 -22.84 22.23
N GLU D 165 3.59 -22.61 21.37
CA GLU D 165 3.62 -21.44 20.49
C GLU D 165 2.25 -21.27 19.84
N TRP D 166 1.90 -22.18 18.93
CA TRP D 166 0.64 -22.08 18.24
C TRP D 166 -0.65 -22.11 19.06
N LEU D 167 -0.69 -22.86 20.16
CA LEU D 167 -1.91 -22.88 20.97
C LEU D 167 -2.22 -21.49 21.56
N HIS D 168 -1.19 -20.79 21.98
CA HIS D 168 -1.38 -19.47 22.53
C HIS D 168 -2.01 -18.68 21.37
N ARG D 169 -1.31 -18.70 20.24
CA ARG D 169 -1.74 -18.01 19.04
C ARG D 169 -3.22 -18.22 18.76
N TYR D 170 -3.72 -19.43 19.01
CA TYR D 170 -5.14 -19.72 18.75
C TYR D 170 -6.02 -19.08 19.81
N LEU D 171 -5.71 -19.35 21.08
CA LEU D 171 -6.48 -18.80 22.20
C LEU D 171 -6.62 -17.28 22.00
N LYS D 172 -5.54 -16.64 21.59
CA LYS D 172 -5.56 -15.21 21.38
C LYS D 172 -6.66 -14.86 20.39
N ASN D 173 -6.71 -15.58 19.27
CA ASN D 173 -7.73 -15.34 18.26
C ASN D 173 -9.12 -15.84 18.62
N GLY D 174 -9.22 -16.91 19.40
CA GLY D 174 -10.53 -17.41 19.74
C GLY D 174 -10.96 -17.49 21.18
N ASN D 175 -10.43 -16.64 22.06
CA ASN D 175 -10.84 -16.70 23.47
C ASN D 175 -12.28 -16.20 23.59
N ALA D 176 -12.58 -15.13 22.86
CA ALA D 176 -13.91 -14.53 22.82
C ALA D 176 -14.97 -15.60 22.50
N THR D 177 -14.65 -16.47 21.55
CA THR D 177 -15.55 -17.53 21.14
C THR D 177 -15.61 -18.64 22.18
N LEU D 178 -14.44 -19.19 22.54
CA LEU D 178 -14.35 -20.26 23.53
C LEU D 178 -15.12 -19.94 24.81
N LEU D 179 -14.81 -18.81 25.42
CA LEU D 179 -15.45 -18.37 26.65
C LEU D 179 -16.98 -18.40 26.52
N ARG D 180 -17.48 -18.26 25.30
CA ARG D 180 -18.92 -18.26 25.03
C ARG D 180 -19.66 -19.47 25.62
N THR D 181 -20.71 -19.21 26.38
CA THR D 181 -21.52 -20.25 27.01
C THR D 181 -23.00 -20.15 26.61
N ASP D 182 -23.75 -21.21 26.88
CA ASP D 182 -25.18 -21.24 26.58
C ASP D 182 -25.91 -21.76 27.77
N SER D 183 -26.62 -20.88 28.48
CA SER D 183 -27.36 -21.27 29.67
C SER D 183 -28.41 -22.33 29.36
N PRO D 184 -28.60 -23.29 30.27
CA PRO D 184 -29.61 -24.31 30.01
C PRO D 184 -31.02 -23.77 30.25
N LYS D 185 -32.01 -24.49 29.72
CA LYS D 185 -33.41 -24.15 29.88
C LYS D 185 -34.04 -25.42 30.43
N ALA D 186 -34.58 -25.36 31.64
CA ALA D 186 -35.13 -26.55 32.25
C ALA D 186 -36.64 -26.55 32.36
N HIS D 187 -37.17 -27.74 32.62
CA HIS D 187 -38.60 -27.93 32.80
C HIS D 187 -38.77 -29.36 33.28
N VAL D 188 -39.88 -29.62 33.96
CA VAL D 188 -40.15 -30.94 34.50
C VAL D 188 -41.37 -31.60 33.84
N THR D 189 -41.30 -32.91 33.62
CA THR D 189 -42.39 -33.63 32.99
C THR D 189 -42.95 -34.68 33.91
N HIS D 190 -44.24 -34.98 33.71
CA HIS D 190 -44.96 -35.95 34.53
C HIS D 190 -45.21 -37.24 33.74
N HIS D 191 -45.14 -38.38 34.39
CA HIS D 191 -45.37 -39.65 33.70
C HIS D 191 -46.11 -40.65 34.61
N PRO D 192 -47.01 -41.49 34.04
CA PRO D 192 -47.85 -42.44 34.80
C PRO D 192 -47.02 -43.36 35.66
N ARG D 193 -46.11 -44.03 35.00
CA ARG D 193 -45.09 -44.94 35.60
C ARG D 193 -45.62 -45.81 36.77
N SER D 194 -46.84 -45.60 37.24
CA SER D 194 -47.40 -46.50 38.27
C SER D 194 -48.50 -45.86 39.08
N LYS D 195 -49.42 -46.71 39.49
CA LYS D 195 -50.53 -46.27 40.31
C LYS D 195 -50.08 -46.20 41.72
N GLY D 196 -50.32 -45.10 42.31
CA GLY D 196 -49.85 -44.92 43.65
C GLY D 196 -48.53 -44.16 43.55
N GLU D 197 -47.82 -44.34 42.44
CA GLU D 197 -46.55 -43.68 42.22
C GLU D 197 -46.54 -42.91 40.91
N VAL D 198 -45.39 -42.33 40.57
CA VAL D 198 -45.27 -41.55 39.37
C VAL D 198 -43.82 -41.16 39.13
N THR D 199 -43.50 -40.84 37.87
CA THR D 199 -42.15 -40.46 37.49
C THR D 199 -42.08 -38.99 37.10
N LEU D 200 -41.11 -38.28 37.67
CA LEU D 200 -40.91 -36.87 37.35
C LEU D 200 -39.54 -36.83 36.72
N ARG D 201 -39.43 -36.13 35.60
CA ARG D 201 -38.18 -36.03 34.89
C ARG D 201 -37.87 -34.57 34.74
N CYS D 202 -36.69 -34.19 35.19
CA CYS D 202 -36.26 -32.80 35.12
C CYS D 202 -35.43 -32.70 33.88
N TRP D 203 -35.84 -31.86 32.96
CA TRP D 203 -35.11 -31.70 31.72
C TRP D 203 -34.20 -30.49 31.68
N ALA D 204 -33.03 -30.67 31.09
CA ALA D 204 -32.08 -29.59 30.92
C ALA D 204 -31.76 -29.59 29.41
N LEU D 205 -32.07 -28.49 28.71
CA LEU D 205 -31.86 -28.44 27.26
C LEU D 205 -31.11 -27.24 26.70
N GLY D 206 -30.48 -27.46 25.55
CA GLY D 206 -29.74 -26.42 24.85
C GLY D 206 -28.61 -25.71 25.55
N PHE D 207 -27.84 -26.43 26.36
CA PHE D 207 -26.73 -25.80 27.08
C PHE D 207 -25.33 -26.14 26.53
N TYR D 208 -24.40 -25.21 26.69
CA TYR D 208 -23.03 -25.41 26.22
C TYR D 208 -22.11 -24.65 27.16
N PRO D 209 -20.98 -25.26 27.58
CA PRO D 209 -20.45 -26.60 27.29
C PRO D 209 -21.25 -27.71 27.96
N ALA D 210 -20.84 -28.94 27.72
CA ALA D 210 -21.57 -30.09 28.24
C ALA D 210 -21.64 -30.25 29.76
N ASP D 211 -20.64 -29.74 30.47
CA ASP D 211 -20.64 -29.90 31.92
C ASP D 211 -21.90 -29.33 32.56
N ILE D 212 -22.57 -30.20 33.29
CA ILE D 212 -23.79 -29.81 33.96
C ILE D 212 -24.08 -30.80 35.09
N THR D 213 -24.91 -30.37 36.04
CA THR D 213 -25.28 -31.21 37.17
C THR D 213 -26.77 -31.07 37.44
N LEU D 214 -27.45 -32.18 37.67
CA LEU D 214 -28.87 -32.15 37.96
C LEU D 214 -29.14 -32.86 39.26
N THR D 215 -29.99 -32.24 40.08
CA THR D 215 -30.34 -32.81 41.38
C THR D 215 -31.81 -32.67 41.71
N TRP D 216 -32.27 -33.58 42.57
CA TRP D 216 -33.64 -33.57 43.05
C TRP D 216 -33.58 -33.57 44.58
N GLN D 217 -34.35 -32.70 45.22
CA GLN D 217 -34.37 -32.69 46.68
C GLN D 217 -35.80 -32.55 47.13
N LEU D 218 -36.18 -33.29 48.17
CA LEU D 218 -37.56 -33.19 48.68
C LEU D 218 -37.54 -32.15 49.80
N ASN D 219 -37.34 -30.90 49.39
CA ASN D 219 -37.22 -29.72 50.26
C ASN D 219 -36.12 -29.97 51.28
N GLY D 220 -35.74 -31.24 51.40
CA GLY D 220 -34.71 -31.64 52.33
C GLY D 220 -33.42 -32.06 51.65
N GLU D 221 -33.16 -33.36 51.70
CA GLU D 221 -31.95 -33.93 51.11
C GLU D 221 -32.08 -34.25 49.62
N GLU D 222 -30.96 -34.20 48.90
CA GLU D 222 -30.95 -34.50 47.48
C GLU D 222 -31.26 -35.99 47.30
N LEU D 223 -32.23 -36.31 46.43
CA LEU D 223 -32.61 -37.70 46.18
C LEU D 223 -31.66 -38.47 45.26
N THR D 224 -30.84 -39.33 45.88
CA THR D 224 -29.89 -40.15 45.16
C THR D 224 -30.50 -41.52 44.96
N GLN D 225 -31.44 -41.85 45.85
CA GLN D 225 -32.12 -43.13 45.79
C GLN D 225 -33.28 -43.09 44.80
N ASP D 226 -33.33 -44.08 43.93
CA ASP D 226 -34.36 -44.19 42.92
C ASP D 226 -34.34 -43.05 41.91
N MET D 227 -33.15 -42.49 41.72
CA MET D 227 -33.02 -41.41 40.75
C MET D 227 -32.33 -41.96 39.50
N GLU D 228 -32.88 -41.64 38.33
CA GLU D 228 -32.28 -42.11 37.09
C GLU D 228 -31.63 -40.95 36.34
N LEU D 229 -30.45 -41.21 35.80
CA LEU D 229 -29.67 -40.22 35.09
C LEU D 229 -29.30 -40.74 33.69
N VAL D 230 -29.15 -39.84 32.71
CA VAL D 230 -28.76 -40.28 31.37
C VAL D 230 -27.49 -39.56 30.97
N GLU D 231 -26.60 -40.28 30.30
CA GLU D 231 -25.35 -39.67 29.85
C GLU D 231 -25.71 -38.42 29.05
N THR D 232 -24.96 -37.33 29.22
CA THR D 232 -25.23 -36.10 28.50
C THR D 232 -25.28 -36.42 27.00
N ARG D 233 -26.09 -35.72 26.23
CA ARG D 233 -26.24 -36.05 24.81
C ARG D 233 -26.25 -34.80 23.94
N PRO D 234 -25.66 -34.89 22.73
CA PRO D 234 -25.65 -33.72 21.86
C PRO D 234 -27.04 -33.58 21.24
N ALA D 235 -27.47 -32.35 21.00
CA ALA D 235 -28.79 -32.12 20.43
C ALA D 235 -28.69 -31.99 18.92
N GLY D 236 -27.44 -32.06 18.44
CA GLY D 236 -27.19 -31.98 17.02
C GLY D 236 -26.92 -30.59 16.48
N ASP D 237 -27.11 -29.56 17.31
CA ASP D 237 -26.86 -28.18 16.88
C ASP D 237 -25.72 -27.51 17.64
N GLY D 238 -24.95 -28.29 18.38
CA GLY D 238 -23.84 -27.73 19.13
C GLY D 238 -24.06 -27.67 20.62
N THR D 239 -25.31 -27.59 21.05
CA THR D 239 -25.66 -27.52 22.47
C THR D 239 -25.90 -28.94 22.97
N PHE D 240 -26.14 -29.11 24.27
CA PHE D 240 -26.34 -30.44 24.83
C PHE D 240 -27.61 -30.63 25.65
N GLN D 241 -27.97 -31.89 25.90
CA GLN D 241 -29.16 -32.22 26.66
C GLN D 241 -28.85 -33.22 27.78
N LYS D 242 -29.73 -33.26 28.77
CA LYS D 242 -29.60 -34.17 29.91
C LYS D 242 -30.84 -34.16 30.79
N TRP D 243 -31.14 -35.31 31.39
CA TRP D 243 -32.28 -35.33 32.29
C TRP D 243 -32.09 -36.29 33.43
N ALA D 244 -32.76 -36.01 34.55
CA ALA D 244 -32.70 -36.84 35.73
C ALA D 244 -34.14 -37.01 36.18
N SER D 245 -34.45 -38.18 36.72
CA SER D 245 -35.81 -38.45 37.16
C SER D 245 -35.78 -39.11 38.52
N VAL D 246 -36.94 -39.18 39.16
CA VAL D 246 -37.08 -39.82 40.46
C VAL D 246 -38.51 -40.31 40.60
N VAL D 247 -38.68 -41.46 41.24
CA VAL D 247 -40.00 -42.00 41.47
C VAL D 247 -40.57 -41.12 42.55
N VAL D 248 -41.86 -40.82 42.45
CA VAL D 248 -42.51 -39.95 43.41
C VAL D 248 -43.91 -40.45 43.65
N PRO D 249 -44.35 -40.46 44.90
CA PRO D 249 -45.72 -40.93 45.18
C PRO D 249 -46.75 -39.97 44.60
N LEU D 250 -47.68 -40.53 43.83
CA LEU D 250 -48.74 -39.77 43.18
C LEU D 250 -49.40 -38.78 44.12
N GLY D 251 -49.54 -37.54 43.66
CA GLY D 251 -50.15 -36.50 44.48
C GLY D 251 -49.15 -35.70 45.31
N LYS D 252 -47.88 -36.11 45.26
CA LYS D 252 -46.83 -35.42 46.02
C LYS D 252 -45.79 -34.77 45.10
N GLU D 253 -45.99 -34.95 43.79
CA GLU D 253 -45.10 -34.43 42.76
C GLU D 253 -44.63 -32.98 42.94
N GLN D 254 -45.53 -32.12 43.39
CA GLN D 254 -45.17 -30.72 43.54
C GLN D 254 -44.31 -30.41 44.74
N ASN D 255 -44.10 -31.41 45.60
CA ASN D 255 -43.26 -31.21 46.79
C ASN D 255 -41.79 -31.39 46.47
N TYR D 256 -41.48 -32.11 45.39
CA TYR D 256 -40.07 -32.30 45.03
C TYR D 256 -39.61 -31.17 44.15
N THR D 257 -38.32 -30.84 44.27
CA THR D 257 -37.74 -29.74 43.52
C THR D 257 -36.46 -30.14 42.80
N CYS D 258 -36.23 -29.53 41.64
CA CYS D 258 -35.05 -29.82 40.83
C CYS D 258 -34.09 -28.65 40.74
N ARG D 259 -32.79 -28.94 40.68
CA ARG D 259 -31.76 -27.90 40.58
C ARG D 259 -30.84 -28.17 39.37
N VAL D 260 -30.35 -27.08 38.77
CA VAL D 260 -29.46 -27.17 37.62
C VAL D 260 -28.25 -26.27 37.82
N TYR D 261 -27.05 -26.85 37.81
CA TYR D 261 -25.81 -26.09 37.98
C TYR D 261 -24.97 -26.16 36.71
N HIS D 262 -24.71 -24.99 36.12
CA HIS D 262 -23.97 -24.89 34.87
C HIS D 262 -23.29 -23.52 34.84
N GLU D 263 -22.04 -23.47 34.39
CA GLU D 263 -21.31 -22.21 34.35
C GLU D 263 -21.93 -21.08 33.51
N GLY D 264 -23.10 -21.32 32.94
CA GLY D 264 -23.71 -20.27 32.15
C GLY D 264 -24.78 -19.49 32.91
N LEU D 265 -25.37 -20.13 33.92
CA LEU D 265 -26.41 -19.50 34.72
C LEU D 265 -25.87 -18.49 35.72
N PRO D 266 -26.47 -17.29 35.75
CA PRO D 266 -26.01 -16.29 36.70
C PRO D 266 -26.14 -16.91 38.08
N GLU D 267 -26.91 -17.98 38.15
CA GLU D 267 -27.12 -18.74 39.37
C GLU D 267 -27.94 -19.98 39.05
N PRO D 268 -27.75 -21.06 39.83
CA PRO D 268 -28.46 -22.33 39.62
C PRO D 268 -29.97 -22.22 39.49
N LEU D 269 -30.50 -22.82 38.42
CA LEU D 269 -31.94 -22.86 38.14
C LEU D 269 -32.62 -23.77 39.12
N THR D 270 -33.83 -23.40 39.54
CA THR D 270 -34.61 -24.21 40.47
C THR D 270 -36.03 -24.26 39.92
N LEU D 271 -36.60 -25.46 39.87
CA LEU D 271 -37.96 -25.61 39.37
C LEU D 271 -38.67 -26.87 39.89
N ARG D 272 -39.97 -26.95 39.62
CA ARG D 272 -40.80 -28.08 40.06
C ARG D 272 -41.96 -28.32 39.12
N TRP D 273 -42.66 -29.43 39.36
CA TRP D 273 -43.84 -29.74 38.58
C TRP D 273 -44.79 -28.59 38.83
N MET E 1 -11.98 -58.84 17.20
CA MET E 1 -10.83 -58.78 18.16
C MET E 1 -10.40 -57.32 18.39
N ILE E 2 -11.36 -56.41 18.30
CA ILE E 2 -11.14 -54.97 18.49
C ILE E 2 -12.44 -54.40 19.08
N GLN E 3 -13.21 -55.28 19.72
CA GLN E 3 -14.52 -54.98 20.29
C GLN E 3 -14.65 -53.94 21.41
N LYS E 4 -15.91 -53.72 21.80
CA LYS E 4 -16.34 -52.78 22.85
C LYS E 4 -17.81 -52.44 22.51
N THR E 5 -18.76 -53.10 23.21
CA THR E 5 -20.19 -52.89 22.97
C THR E 5 -20.67 -51.45 23.01
N PRO E 6 -21.29 -50.98 21.91
CA PRO E 6 -21.81 -49.62 21.79
C PRO E 6 -23.02 -49.29 22.67
N GLN E 7 -23.11 -48.00 23.02
CA GLN E 7 -24.18 -47.48 23.85
C GLN E 7 -25.06 -46.64 22.93
N ILE E 8 -26.35 -46.87 23.02
CA ILE E 8 -27.31 -46.19 22.16
C ILE E 8 -28.34 -45.36 22.91
N GLN E 9 -28.59 -44.16 22.40
CA GLN E 9 -29.59 -43.27 22.96
C GLN E 9 -30.35 -42.68 21.78
N VAL E 10 -31.68 -42.76 21.81
CA VAL E 10 -32.50 -42.19 20.75
C VAL E 10 -33.36 -41.09 21.33
N TYR E 11 -33.40 -39.93 20.67
CA TYR E 11 -34.17 -38.81 21.18
C TYR E 11 -34.29 -37.68 20.18
N SER E 12 -35.31 -36.86 20.34
CA SER E 12 -35.55 -35.73 19.45
C SER E 12 -34.70 -34.54 19.87
N ARG E 13 -34.48 -33.61 18.96
CA ARG E 13 -33.66 -32.44 19.27
C ARG E 13 -34.45 -31.43 20.10
N HIS E 14 -35.76 -31.38 19.87
CA HIS E 14 -36.62 -30.45 20.59
C HIS E 14 -37.74 -31.26 21.25
N PRO E 15 -38.27 -30.76 22.39
CA PRO E 15 -39.34 -31.51 23.04
C PRO E 15 -40.46 -31.73 22.02
N PRO E 16 -40.81 -33.00 21.76
CA PRO E 16 -41.83 -33.40 20.80
C PRO E 16 -43.21 -32.74 20.94
N GLU E 17 -43.91 -32.65 19.81
CA GLU E 17 -45.25 -32.07 19.74
C GLU E 17 -45.93 -32.59 18.46
N ASN E 18 -46.74 -33.64 18.60
CA ASN E 18 -47.44 -34.23 17.45
C ASN E 18 -47.66 -33.26 16.30
N GLY E 19 -47.28 -33.70 15.10
CA GLY E 19 -47.45 -32.90 13.91
C GLY E 19 -46.50 -31.73 13.73
N LYS E 20 -45.40 -31.69 14.46
CA LYS E 20 -44.46 -30.58 14.30
C LYS E 20 -43.04 -31.01 13.92
N PRO E 21 -42.49 -30.40 12.88
CA PRO E 21 -41.13 -30.73 12.44
C PRO E 21 -40.12 -30.73 13.59
N ASN E 22 -39.49 -31.88 13.80
CA ASN E 22 -38.49 -32.03 14.85
C ASN E 22 -37.35 -32.85 14.20
N ILE E 23 -36.28 -33.10 14.95
CA ILE E 23 -35.18 -33.90 14.42
C ILE E 23 -34.96 -35.06 15.37
N LEU E 24 -34.85 -36.28 14.83
CA LEU E 24 -34.63 -37.43 15.68
C LEU E 24 -33.16 -37.80 15.64
N ASN E 25 -32.62 -38.18 16.79
CA ASN E 25 -31.21 -38.51 16.86
C ASN E 25 -30.95 -39.92 17.36
N CYS E 26 -29.85 -40.49 16.89
CA CYS E 26 -29.39 -41.80 17.34
C CYS E 26 -27.93 -41.55 17.72
N TYR E 27 -27.70 -41.42 19.02
CA TYR E 27 -26.37 -41.16 19.54
C TYR E 27 -25.74 -42.46 19.97
N VAL E 28 -24.80 -42.93 19.16
CA VAL E 28 -24.10 -44.20 19.40
C VAL E 28 -22.68 -43.92 19.85
N THR E 29 -22.24 -44.62 20.88
CA THR E 29 -20.91 -44.39 21.42
C THR E 29 -20.27 -45.63 22.02
N GLN E 30 -18.99 -45.50 22.38
CA GLN E 30 -18.23 -46.57 23.02
C GLN E 30 -18.00 -47.79 22.14
N PHE E 31 -17.89 -47.61 20.83
CA PHE E 31 -17.66 -48.76 19.94
C PHE E 31 -16.30 -48.72 19.27
N HIS E 32 -15.84 -49.89 18.87
CA HIS E 32 -14.55 -50.05 18.23
C HIS E 32 -14.62 -51.43 17.59
N PRO E 33 -14.18 -51.58 16.32
CA PRO E 33 -13.59 -50.56 15.44
C PRO E 33 -14.58 -49.44 15.14
N PRO E 34 -14.12 -48.40 14.44
CA PRO E 34 -15.05 -47.32 14.14
C PRO E 34 -16.12 -47.73 13.10
N HIS E 35 -15.82 -48.74 12.29
CA HIS E 35 -16.78 -49.17 11.26
C HIS E 35 -18.08 -49.67 11.92
N ILE E 36 -19.18 -49.00 11.59
CA ILE E 36 -20.48 -49.32 12.16
C ILE E 36 -21.60 -49.02 11.17
N GLU E 37 -22.71 -49.77 11.26
CA GLU E 37 -23.85 -49.60 10.37
C GLU E 37 -25.08 -49.15 11.19
N ILE E 38 -25.57 -47.94 10.91
CA ILE E 38 -26.71 -47.40 11.64
C ILE E 38 -27.92 -47.12 10.76
N GLN E 39 -29.08 -47.68 11.13
CA GLN E 39 -30.32 -47.46 10.39
C GLN E 39 -31.37 -46.79 11.27
N MET E 40 -32.12 -45.86 10.69
CA MET E 40 -33.17 -45.18 11.41
C MET E 40 -34.49 -45.72 10.86
N LEU E 41 -35.24 -46.44 11.69
CA LEU E 41 -36.51 -47.00 11.23
C LEU E 41 -37.73 -46.17 11.65
N LYS E 42 -38.75 -46.18 10.79
CA LYS E 42 -40.03 -45.51 11.03
C LYS E 42 -41.05 -46.61 10.79
N ASN E 43 -41.64 -47.12 11.86
CA ASN E 43 -42.61 -48.20 11.73
C ASN E 43 -41.88 -49.36 11.08
N GLY E 44 -40.73 -49.73 11.64
CA GLY E 44 -39.94 -50.84 11.12
C GLY E 44 -39.46 -50.69 9.68
N LYS E 45 -39.70 -49.53 9.09
CA LYS E 45 -39.31 -49.25 7.71
C LYS E 45 -38.10 -48.33 7.64
N LYS E 46 -37.02 -48.82 7.03
CA LYS E 46 -35.78 -48.04 6.89
C LYS E 46 -36.03 -46.63 6.37
N ILE E 47 -35.50 -45.64 7.08
CA ILE E 47 -35.67 -44.24 6.70
C ILE E 47 -34.52 -43.83 5.79
N PRO E 48 -34.82 -43.10 4.72
CA PRO E 48 -33.76 -42.67 3.80
C PRO E 48 -33.06 -41.38 4.20
N LYS E 49 -31.97 -41.10 3.50
CA LYS E 49 -31.16 -39.90 3.70
C LYS E 49 -30.72 -39.61 5.13
N VAL E 50 -30.64 -40.63 5.98
CA VAL E 50 -30.23 -40.43 7.38
C VAL E 50 -28.80 -39.88 7.43
N GLU E 51 -28.65 -38.65 7.87
CA GLU E 51 -27.33 -38.03 7.93
C GLU E 51 -26.55 -38.54 9.14
N MET E 52 -25.24 -38.69 8.96
CA MET E 52 -24.36 -39.16 10.03
C MET E 52 -23.40 -38.01 10.29
N SER E 53 -22.90 -37.93 11.53
CA SER E 53 -21.96 -36.88 11.90
C SER E 53 -20.55 -37.38 11.61
N ASP E 54 -19.57 -36.48 11.57
CA ASP E 54 -18.19 -36.88 11.34
C ASP E 54 -17.73 -37.72 12.53
N MET E 55 -16.84 -38.68 12.29
CA MET E 55 -16.41 -39.55 13.39
C MET E 55 -15.28 -39.03 14.24
N SER E 56 -15.50 -39.10 15.55
CA SER E 56 -14.54 -38.63 16.53
C SER E 56 -14.45 -39.70 17.58
N PHE E 57 -13.30 -39.79 18.24
CA PHE E 57 -13.17 -40.78 19.28
C PHE E 57 -12.90 -40.10 20.61
N SER E 58 -12.89 -40.86 21.70
CA SER E 58 -12.64 -40.30 23.01
C SER E 58 -11.28 -40.67 23.59
N LYS E 59 -10.96 -40.12 24.75
CA LYS E 59 -9.68 -40.38 25.41
C LYS E 59 -9.43 -41.86 25.65
N ASP E 60 -10.50 -42.67 25.65
CA ASP E 60 -10.33 -44.09 25.89
C ASP E 60 -10.21 -44.86 24.58
N TRP E 61 -10.02 -44.10 23.50
CA TRP E 61 -9.88 -44.61 22.13
C TRP E 61 -11.20 -45.04 21.48
N SER E 62 -12.25 -45.26 22.28
CA SER E 62 -13.54 -45.67 21.71
C SER E 62 -14.07 -44.55 20.80
N PHE E 63 -14.91 -44.90 19.85
CA PHE E 63 -15.48 -43.89 18.94
C PHE E 63 -16.93 -43.59 19.26
N TYR E 64 -17.43 -42.47 18.74
CA TYR E 64 -18.82 -42.08 18.91
C TYR E 64 -19.28 -41.30 17.67
N ILE E 65 -20.57 -41.41 17.37
CA ILE E 65 -21.15 -40.75 16.20
C ILE E 65 -22.63 -40.42 16.40
N LEU E 66 -23.08 -39.35 15.74
CA LEU E 66 -24.47 -38.94 15.86
C LEU E 66 -25.19 -39.05 14.52
N ALA E 67 -26.15 -39.98 14.47
CA ALA E 67 -26.94 -40.21 13.27
C ALA E 67 -28.25 -39.48 13.48
N HIS E 68 -28.69 -38.73 12.48
CA HIS E 68 -29.93 -38.03 12.62
C HIS E 68 -30.68 -37.88 11.30
N THR E 69 -31.97 -37.57 11.44
CA THR E 69 -32.85 -37.40 10.29
C THR E 69 -34.03 -36.56 10.75
N GLU E 70 -34.53 -35.73 9.85
CA GLU E 70 -35.68 -34.89 10.18
C GLU E 70 -36.92 -35.77 10.22
N PHE E 71 -37.92 -35.36 11.00
CA PHE E 71 -39.14 -36.14 11.10
C PHE E 71 -40.22 -35.40 11.86
N THR E 72 -41.47 -35.79 11.61
CA THR E 72 -42.61 -35.18 12.26
C THR E 72 -43.37 -36.25 13.03
N PRO E 73 -43.24 -36.24 14.37
CA PRO E 73 -43.89 -37.20 15.26
C PRO E 73 -45.42 -37.13 15.28
N THR E 74 -46.04 -38.27 15.56
CA THR E 74 -47.50 -38.36 15.63
C THR E 74 -47.86 -39.06 16.93
N GLU E 75 -48.97 -39.79 16.92
CA GLU E 75 -49.39 -40.52 18.12
C GLU E 75 -49.25 -42.01 17.88
N THR E 76 -49.26 -42.41 16.62
CA THR E 76 -49.14 -43.85 16.31
C THR E 76 -47.81 -44.27 15.72
N ASP E 77 -47.16 -43.38 14.97
CA ASP E 77 -45.88 -43.75 14.37
C ASP E 77 -44.82 -44.11 15.41
N THR E 78 -44.09 -45.19 15.15
CA THR E 78 -43.03 -45.58 16.05
C THR E 78 -41.76 -45.35 15.27
N TYR E 79 -40.71 -44.97 15.98
CA TYR E 79 -39.40 -44.75 15.38
C TYR E 79 -38.39 -45.54 16.21
N ALA E 80 -37.23 -45.84 15.65
CA ALA E 80 -36.23 -46.57 16.40
C ALA E 80 -34.92 -46.45 15.69
N CYS E 81 -33.88 -47.03 16.27
CA CYS E 81 -32.54 -47.02 15.69
C CYS E 81 -32.00 -48.43 15.78
N ARG E 82 -31.42 -48.90 14.67
CA ARG E 82 -30.88 -50.25 14.58
C ARG E 82 -29.40 -50.11 14.26
N VAL E 83 -28.58 -50.74 15.08
CA VAL E 83 -27.13 -50.65 14.95
C VAL E 83 -26.47 -52.02 14.85
N LYS E 84 -25.67 -52.24 13.80
CA LYS E 84 -24.95 -53.50 13.70
C LYS E 84 -23.48 -53.15 13.83
N HIS E 85 -22.81 -53.80 14.78
CA HIS E 85 -21.40 -53.56 15.04
C HIS E 85 -20.75 -54.89 15.43
N ASP E 86 -19.54 -55.13 14.93
CA ASP E 86 -18.85 -56.38 15.19
C ASP E 86 -18.63 -56.77 16.64
N SER E 87 -19.15 -55.98 17.58
CA SER E 87 -18.96 -56.32 18.99
C SER E 87 -20.23 -56.91 19.56
N MET E 88 -21.24 -57.05 18.69
CA MET E 88 -22.53 -57.61 19.09
C MET E 88 -22.92 -58.73 18.14
N ALA E 89 -23.05 -59.94 18.68
CA ALA E 89 -23.40 -61.10 17.87
C ALA E 89 -24.66 -60.89 17.03
N GLU E 90 -25.26 -59.73 17.17
CA GLU E 90 -26.48 -59.41 16.43
C GLU E 90 -26.79 -57.93 16.48
N PRO E 91 -27.51 -57.41 15.46
CA PRO E 91 -27.83 -55.99 15.47
C PRO E 91 -28.76 -55.70 16.63
N LYS E 92 -28.62 -54.51 17.20
CA LYS E 92 -29.46 -54.10 18.32
C LYS E 92 -30.36 -52.95 17.87
N THR E 93 -31.64 -53.08 18.19
CA THR E 93 -32.62 -52.06 17.84
C THR E 93 -33.17 -51.44 19.13
N VAL E 94 -33.31 -50.13 19.14
CA VAL E 94 -33.83 -49.44 20.31
C VAL E 94 -34.86 -48.42 19.86
N TYR E 95 -36.05 -48.51 20.44
CA TYR E 95 -37.13 -47.61 20.09
C TYR E 95 -37.07 -46.28 20.82
N TRP E 96 -37.67 -45.27 20.17
CA TRP E 96 -37.72 -43.93 20.70
C TRP E 96 -38.93 -43.80 21.61
N ASP E 97 -38.70 -43.38 22.85
CA ASP E 97 -39.77 -43.18 23.81
C ASP E 97 -39.77 -41.68 24.09
N ARG E 98 -40.70 -40.96 23.48
CA ARG E 98 -40.77 -39.52 23.62
C ARG E 98 -40.62 -38.92 25.05
N ASP E 99 -40.58 -39.75 26.09
CA ASP E 99 -40.42 -39.23 27.44
C ASP E 99 -38.98 -39.43 27.94
N MET E 100 -38.07 -39.79 27.04
CA MET E 100 -36.68 -40.02 27.38
C MET E 100 -35.80 -39.37 26.32
N ALA F 1 -1.52 -26.20 14.98
CA ALA F 1 -0.30 -26.79 14.35
C ALA F 1 -0.22 -28.24 14.80
N ALA F 2 -0.27 -29.14 13.83
CA ALA F 2 -0.24 -30.55 14.12
C ALA F 2 1.18 -31.10 14.13
N VAL F 3 1.33 -32.21 14.85
CA VAL F 3 2.58 -32.92 14.98
C VAL F 3 2.99 -33.47 13.64
N TYR F 4 4.26 -33.84 13.53
CA TYR F 4 4.78 -34.45 12.33
C TYR F 4 5.67 -35.56 12.89
N ASN F 5 5.19 -36.81 12.79
CA ASN F 5 5.92 -37.94 13.33
C ASN F 5 7.29 -38.20 12.68
N PHE F 6 8.15 -38.89 13.42
CA PHE F 6 9.49 -39.22 12.93
C PHE F 6 9.49 -40.72 12.62
N ALA F 7 10.46 -41.47 13.10
CA ALA F 7 10.53 -42.91 12.83
C ALA F 7 9.13 -43.54 12.78
N THR F 8 8.88 -44.38 11.77
CA THR F 8 7.57 -45.02 11.69
C THR F 8 7.51 -46.08 12.77
N MET F 9 6.34 -46.68 12.95
CA MET F 9 6.18 -47.66 14.00
C MET F 9 7.06 -48.90 13.83
#